data_7DSS
#
_entry.id   7DSS
#
loop_
_entity.id
_entity.type
_entity.pdbx_description
1 polymer 'M8 Nab'
2 polymer 'VP1 of O type FMDV capsid'
3 polymer 'VP2 of O-type FMDV capsid'
4 polymer 'VP3 of O-type FMDV capsid'
5 polymer 'VP4 of O-type FMDV capsid'
#
loop_
_entity_poly.entity_id
_entity_poly.type
_entity_poly.pdbx_seq_one_letter_code
_entity_poly.pdbx_strand_id
1 'polypeptide(L)'
;GGSQVQLQESGGGLVQPGGSLRLSCVASGTVFSINDISINHLGWYRQAPGKERELVAAITADGTSAYEDSVKGRFIISRD
DAKKMVYLQMNSLKPEDTAVYYCNGLRASNAGWEPRFGTWGQGTQVTVSS
;
A
2 'polypeptide(L)'
;TTSTGESADPVTATVENYGGETQVQRRHHTDVSFILDRFVKVTPKDSINVLDLMQTPSHTLVGALLRTATYYFADLEVAV
KHKGDLTWVPNGAPVAALDNTTNPTAYHKAPLTRLALPYTAPHRVLATVYNGKCKYAEGSLPNVRGDLQVLAQKAARPLP
TSFNYGAIKATRVTELLYRMKRAETYCPRPLLAVHPSAARHKQKIVAP
;
1
3 'polypeptide(L)'
;RILTTRNGHTTSTTQSSVGITHGYATAEDFVNGPNTSGLETRVVQAERFFKTHLFDWVTSDPFGRYYLLELPTDHKGVYG
SLTDSYAYMRNGWDVEVTAVGNQFNGGCLLVAMVPELCSIEQRELFQLTLFPHQFINPRTNMTAHIKVPFVGVNRYDQYK
VHKPWTLVVMVVAPLTVNTEGAPQIKVYANIAPTNVHVAGEFPSKE
;
2
4 'polypeptide(L)'
;GIFPVACSDGYGGLVTTDPKTADPVYGKVFNPPRNMLPGRFTNLLDVAEACPTFLHFDGDVPYVTTKTDSDRVLAQFDLS
LAAKHMSNTFLAGLAQYYTQYSGTVNLHFMFTGPTDAKARYMIAIAPPGMEPPKTPEAAAHCIHAEWDTGLNSKFTFSIP
YLSAADYAYTASDAAETTNVQGWVCLFQITHGKAEGDALVVLASAGKDFELRLPVDARQ
;
3
5 'polypeptide(L)' SQNQSGNTGSIINNYYMQQYQNSMDTQLGNNAISGGSNEGSTDTTSTHTTNTQNNDWFSKLASSAFSGLFGALLA 4
#
# COMPACT_ATOMS: atom_id res chain seq x y z
N VAL A 5 -19.48 -18.34 -2.18
CA VAL A 5 -19.17 -17.33 -3.19
C VAL A 5 -20.45 -16.67 -3.66
N GLN A 6 -21.58 -17.34 -3.44
CA GLN A 6 -22.90 -16.85 -3.82
C GLN A 6 -23.82 -16.93 -2.61
N LEU A 7 -24.43 -15.80 -2.26
CA LEU A 7 -25.18 -15.66 -1.02
C LEU A 7 -26.65 -16.02 -1.26
N GLN A 8 -27.21 -16.81 -0.35
CA GLN A 8 -28.62 -17.13 -0.35
C GLN A 8 -29.36 -16.29 0.68
N GLU A 9 -30.65 -16.09 0.45
CA GLU A 9 -31.52 -15.36 1.36
C GLU A 9 -32.77 -16.19 1.62
N SER A 10 -33.48 -15.84 2.69
CA SER A 10 -34.73 -16.53 3.03
C SER A 10 -35.59 -15.58 3.84
N GLY A 11 -36.87 -15.93 3.96
CA GLY A 11 -37.83 -15.14 4.72
C GLY A 11 -38.81 -14.36 3.88
N GLY A 12 -38.82 -14.55 2.57
CA GLY A 12 -39.69 -13.83 1.65
C GLY A 12 -40.83 -14.69 1.15
N GLY A 13 -41.45 -14.24 0.07
CA GLY A 13 -42.58 -14.93 -0.53
C GLY A 13 -43.73 -13.96 -0.78
N LEU A 14 -44.94 -14.46 -0.56
CA LEU A 14 -46.14 -13.62 -0.60
C LEU A 14 -46.54 -13.26 0.83
N VAL A 15 -46.60 -11.96 1.11
CA VAL A 15 -46.87 -11.44 2.44
C VAL A 15 -47.80 -10.24 2.30
N GLN A 16 -48.65 -10.03 3.31
CA GLN A 16 -49.61 -8.94 3.33
C GLN A 16 -48.99 -7.72 3.98
N PRO A 17 -49.34 -6.52 3.51
CA PRO A 17 -48.75 -5.30 4.08
C PRO A 17 -49.29 -5.00 5.48
N GLY A 18 -48.38 -4.65 6.38
CA GLY A 18 -48.72 -4.38 7.76
C GLY A 18 -48.19 -5.39 8.76
N GLY A 19 -47.48 -6.43 8.31
CA GLY A 19 -46.91 -7.41 9.19
C GLY A 19 -45.60 -6.95 9.83
N SER A 20 -44.76 -7.94 10.13
CA SER A 20 -43.42 -7.66 10.63
C SER A 20 -42.46 -8.70 10.05
N LEU A 21 -41.47 -8.23 9.30
CA LEU A 21 -40.55 -9.11 8.59
C LEU A 21 -39.14 -8.92 9.10
N ARG A 22 -38.38 -10.02 9.13
CA ARG A 22 -36.94 -10.00 9.35
C ARG A 22 -36.28 -10.84 8.27
N LEU A 23 -35.82 -10.19 7.21
CA LEU A 23 -35.13 -10.90 6.15
C LEU A 23 -33.78 -11.42 6.66
N SER A 24 -33.45 -12.63 6.25
CA SER A 24 -32.27 -13.33 6.74
C SER A 24 -31.33 -13.62 5.58
N CYS A 25 -30.03 -13.49 5.81
CA CYS A 25 -29.02 -13.70 4.79
C CYS A 25 -28.31 -15.02 5.07
N VAL A 26 -28.73 -16.07 4.36
CA VAL A 26 -28.10 -17.37 4.48
C VAL A 26 -26.89 -17.40 3.55
N ALA A 27 -25.74 -16.95 4.05
CA ALA A 27 -24.54 -16.83 3.25
C ALA A 27 -24.05 -18.23 2.89
N SER A 28 -23.29 -18.34 1.80
CA SER A 28 -22.66 -19.60 1.42
C SER A 28 -21.56 -19.96 2.42
N GLY A 29 -21.22 -19.03 3.31
CA GLY A 29 -20.18 -19.22 4.28
C GLY A 29 -19.10 -18.15 4.25
N THR A 30 -18.99 -17.40 3.15
CA THR A 30 -17.98 -16.37 2.99
C THR A 30 -16.58 -16.97 3.14
N VAL A 31 -16.18 -17.79 2.17
CA VAL A 31 -14.87 -18.44 2.11
C VAL A 31 -13.76 -17.41 1.98
N PHE A 32 -14.14 -16.14 1.94
CA PHE A 32 -13.30 -15.02 1.53
C PHE A 32 -11.87 -15.13 2.04
N SER A 33 -10.94 -14.69 1.21
CA SER A 33 -9.52 -15.00 1.28
C SER A 33 -8.81 -14.14 2.32
N ILE A 34 -7.53 -13.88 2.04
CA ILE A 34 -6.43 -13.54 2.93
C ILE A 34 -6.75 -12.52 4.02
N ASN A 35 -5.95 -12.56 5.09
CA ASN A 35 -6.08 -11.78 6.32
C ASN A 35 -6.31 -10.30 6.08
N ASP A 36 -6.16 -9.84 4.86
CA ASP A 36 -6.55 -8.47 4.55
C ASP A 36 -8.07 -8.38 4.67
N ILE A 37 -8.51 -7.94 5.84
CA ILE A 37 -9.91 -7.90 6.27
C ILE A 37 -10.14 -6.51 6.82
N SER A 38 -11.30 -6.30 7.44
CA SER A 38 -11.74 -5.00 7.95
C SER A 38 -12.20 -4.14 6.79
N ILE A 39 -12.19 -4.72 5.58
CA ILE A 39 -12.99 -4.21 4.47
C ILE A 39 -14.30 -4.97 4.36
N ASN A 40 -14.72 -5.66 5.43
CA ASN A 40 -16.00 -6.34 5.41
C ASN A 40 -17.13 -5.33 5.44
N HIS A 41 -17.69 -5.03 4.27
CA HIS A 41 -18.71 -4.01 4.13
C HIS A 41 -19.85 -4.58 3.28
N LEU A 42 -20.88 -5.11 3.94
CA LEU A 42 -22.00 -5.70 3.25
C LEU A 42 -23.07 -4.64 3.01
N GLY A 43 -24.14 -5.04 2.35
CA GLY A 43 -25.21 -4.11 2.08
C GLY A 43 -26.44 -4.82 1.54
N TRP A 44 -27.45 -4.01 1.22
CA TRP A 44 -28.70 -4.50 0.66
C TRP A 44 -29.07 -3.64 -0.54
N TYR A 45 -29.60 -4.30 -1.57
CA TYR A 45 -30.03 -3.65 -2.80
C TYR A 45 -31.47 -4.03 -3.06
N ARG A 46 -32.26 -3.11 -3.61
CA ARG A 46 -33.59 -3.43 -4.08
C ARG A 46 -33.62 -3.32 -5.61
N GLN A 47 -34.60 -3.97 -6.22
CA GLN A 47 -34.72 -4.00 -7.67
C GLN A 47 -36.18 -3.79 -8.07
N ALA A 48 -36.39 -2.92 -9.06
CA ALA A 48 -37.72 -2.56 -9.52
C ALA A 48 -38.01 -3.19 -10.88
N PRO A 49 -39.29 -3.39 -11.21
CA PRO A 49 -39.62 -4.04 -12.49
C PRO A 49 -39.20 -3.19 -13.69
N GLY A 50 -38.21 -3.69 -14.42
CA GLY A 50 -37.68 -2.99 -15.57
C GLY A 50 -36.90 -1.72 -15.27
N LYS A 51 -36.78 -1.35 -14.00
CA LYS A 51 -36.05 -0.15 -13.58
C LYS A 51 -34.80 -0.62 -12.84
N GLU A 52 -33.69 0.08 -13.07
CA GLU A 52 -32.39 -0.33 -12.54
C GLU A 52 -32.46 -0.59 -11.03
N ARG A 53 -31.81 -1.66 -10.62
CA ARG A 53 -31.79 -2.03 -9.20
C ARG A 53 -31.05 -0.98 -8.39
N GLU A 54 -31.68 -0.52 -7.31
CA GLU A 54 -31.18 0.60 -6.52
C GLU A 54 -30.73 0.11 -5.16
N LEU A 55 -29.82 0.87 -4.55
CA LEU A 55 -29.35 0.57 -3.20
C LEU A 55 -30.44 0.87 -2.19
N VAL A 56 -30.28 0.31 -0.98
CA VAL A 56 -31.17 0.62 0.14
C VAL A 56 -30.32 1.07 1.32
N ALA A 57 -29.37 0.23 1.73
CA ALA A 57 -28.51 0.50 2.87
C ALA A 57 -27.16 -0.14 2.67
N ALA A 58 -26.24 0.16 3.58
CA ALA A 58 -24.90 -0.39 3.55
C ALA A 58 -24.32 -0.33 4.96
N ILE A 59 -23.65 -1.40 5.38
CA ILE A 59 -23.05 -1.49 6.71
C ILE A 59 -21.53 -1.46 6.55
N THR A 60 -20.86 -0.67 7.39
CA THR A 60 -19.41 -0.56 7.34
C THR A 60 -18.82 -1.68 8.21
N ALA A 61 -17.50 -1.69 8.38
CA ALA A 61 -16.84 -2.79 9.08
C ALA A 61 -17.30 -2.93 10.52
N ASP A 62 -17.48 -1.81 11.23
CA ASP A 62 -17.84 -1.92 12.64
C ASP A 62 -19.24 -1.39 12.95
N GLY A 63 -19.49 -0.12 12.69
CA GLY A 63 -20.70 0.47 13.24
C GLY A 63 -21.51 1.47 12.45
N THR A 64 -21.05 1.91 11.30
CA THR A 64 -21.74 2.99 10.60
C THR A 64 -22.82 2.41 9.69
N SER A 65 -23.93 3.13 9.59
CA SER A 65 -25.05 2.66 8.80
C SER A 65 -25.72 3.84 8.10
N ALA A 66 -25.91 3.70 6.79
CA ALA A 66 -26.59 4.70 5.98
C ALA A 66 -27.71 4.03 5.20
N TYR A 67 -28.73 4.83 4.88
CA TYR A 67 -29.88 4.35 4.15
C TYR A 67 -30.27 5.39 3.11
N GLU A 68 -31.05 4.95 2.12
CA GLU A 68 -31.63 5.87 1.15
C GLU A 68 -32.65 6.72 1.90
N ASP A 69 -32.59 8.05 1.70
CA ASP A 69 -33.47 8.95 2.42
C ASP A 69 -34.95 8.73 2.11
N SER A 70 -35.26 7.84 1.17
CA SER A 70 -36.65 7.41 1.01
C SER A 70 -37.09 6.55 2.18
N VAL A 71 -36.23 5.64 2.63
CA VAL A 71 -36.55 4.74 3.73
C VAL A 71 -35.85 5.13 5.02
N LYS A 72 -35.12 6.25 5.03
CA LYS A 72 -34.32 6.62 6.19
C LYS A 72 -35.17 6.72 7.45
N GLY A 73 -34.65 6.19 8.56
CA GLY A 73 -35.34 6.19 9.82
C GLY A 73 -36.33 5.07 10.01
N ARG A 74 -36.72 4.37 8.94
CA ARG A 74 -37.75 3.35 9.04
C ARG A 74 -37.17 1.95 9.22
N PHE A 75 -35.99 1.67 8.67
CA PHE A 75 -35.40 0.35 8.73
C PHE A 75 -34.22 0.34 9.70
N ILE A 76 -33.89 -0.87 10.17
CA ILE A 76 -32.80 -1.09 11.11
C ILE A 76 -31.96 -2.25 10.58
N ILE A 77 -30.64 -2.06 10.51
CA ILE A 77 -29.72 -3.06 10.00
C ILE A 77 -28.64 -3.32 11.05
N SER A 78 -28.15 -4.56 11.09
CA SER A 78 -27.07 -4.95 11.99
C SER A 78 -26.52 -6.30 11.54
N ARG A 79 -25.24 -6.51 11.82
CA ARG A 79 -24.57 -7.75 11.43
C ARG A 79 -24.04 -8.46 12.68
N ASP A 80 -24.00 -9.78 12.61
CA ASP A 80 -23.47 -10.60 13.69
C ASP A 80 -22.32 -11.43 13.15
N ASP A 81 -21.10 -10.97 13.42
CA ASP A 81 -19.92 -11.61 12.82
C ASP A 81 -19.47 -12.83 13.60
N ALA A 82 -19.78 -12.90 14.89
CA ALA A 82 -19.37 -14.05 15.69
C ALA A 82 -19.89 -15.35 15.09
N LYS A 83 -21.08 -15.33 14.52
CA LYS A 83 -21.61 -16.43 13.73
C LYS A 83 -21.63 -16.11 12.24
N LYS A 84 -21.21 -14.91 11.84
CA LYS A 84 -21.07 -14.50 10.45
C LYS A 84 -22.41 -14.46 9.71
N MET A 85 -23.42 -13.79 10.28
CA MET A 85 -24.69 -13.56 9.61
C MET A 85 -25.05 -12.08 9.66
N VAL A 86 -25.88 -11.66 8.72
CA VAL A 86 -26.39 -10.29 8.66
C VAL A 86 -27.87 -10.34 8.32
N TYR A 87 -28.65 -9.43 8.90
CA TYR A 87 -30.10 -9.45 8.76
C TYR A 87 -30.61 -8.07 8.37
N LEU A 88 -31.90 -8.01 8.05
CA LEU A 88 -32.58 -6.77 7.66
C LEU A 88 -33.92 -6.71 8.38
N GLN A 89 -34.12 -5.66 9.16
CA GLN A 89 -35.38 -5.47 9.85
C GLN A 89 -36.34 -4.63 9.01
N MET A 90 -37.62 -5.03 9.00
CA MET A 90 -38.64 -4.36 8.21
C MET A 90 -39.79 -3.96 9.12
N ASN A 91 -39.83 -2.70 9.54
CA ASN A 91 -40.94 -2.13 10.27
C ASN A 91 -41.48 -0.95 9.49
N SER A 92 -42.60 -0.41 9.95
CA SER A 92 -43.28 0.71 9.29
C SER A 92 -43.51 0.38 7.82
N LEU A 93 -44.36 -0.62 7.57
CA LEU A 93 -44.55 -1.13 6.22
C LEU A 93 -45.39 -0.17 5.39
N LYS A 94 -44.87 0.19 4.22
CA LYS A 94 -45.47 1.08 3.23
C LYS A 94 -45.74 0.31 1.94
N PRO A 95 -46.45 0.93 0.99
CA PRO A 95 -46.57 0.29 -0.34
C PRO A 95 -45.27 0.30 -1.13
N GLU A 96 -44.28 1.07 -0.66
CA GLU A 96 -43.03 1.22 -1.40
C GLU A 96 -42.10 0.01 -1.28
N ASP A 97 -42.45 -0.98 -0.45
CA ASP A 97 -41.54 -2.08 -0.19
C ASP A 97 -41.51 -3.13 -1.29
N THR A 98 -42.28 -2.98 -2.37
CA THR A 98 -42.37 -4.02 -3.37
C THR A 98 -41.12 -4.05 -4.23
N ALA A 99 -40.12 -4.81 -3.77
CA ALA A 99 -38.84 -4.91 -4.48
C ALA A 99 -38.13 -6.17 -4.00
N VAL A 100 -37.22 -6.65 -4.84
CA VAL A 100 -36.44 -7.87 -4.57
C VAL A 100 -35.13 -7.45 -3.93
N TYR A 101 -34.86 -7.99 -2.74
CA TYR A 101 -33.72 -7.59 -1.93
C TYR A 101 -32.56 -8.55 -2.12
N TYR A 102 -31.36 -8.00 -2.31
CA TYR A 102 -30.15 -8.78 -2.53
C TYR A 102 -29.17 -8.51 -1.41
N CYS A 103 -28.83 -9.55 -0.65
CA CYS A 103 -27.82 -9.47 0.40
C CYS A 103 -26.44 -9.63 -0.23
N ASN A 104 -25.67 -8.55 -0.26
CA ASN A 104 -24.39 -8.54 -0.96
C ASN A 104 -23.41 -7.63 -0.24
N GLY A 105 -22.23 -7.46 -0.83
CA GLY A 105 -21.18 -6.65 -0.24
C GLY A 105 -20.88 -5.39 -1.04
N LEU A 106 -20.10 -4.48 -0.47
CA LEU A 106 -19.90 -3.16 -1.05
C LEU A 106 -18.42 -2.94 -1.35
N ARG A 107 -18.12 -1.85 -2.06
CA ARG A 107 -16.76 -1.60 -2.50
C ARG A 107 -16.13 -0.40 -1.79
N ALA A 108 -16.97 0.57 -1.39
CA ALA A 108 -16.49 1.75 -0.67
C ALA A 108 -15.44 2.54 -1.44
N SER A 109 -15.83 3.11 -2.59
CA SER A 109 -14.95 3.96 -3.38
C SER A 109 -14.99 5.37 -2.82
N ASN A 110 -14.31 6.31 -3.49
CA ASN A 110 -14.22 7.70 -3.06
C ASN A 110 -15.57 8.35 -3.31
N ALA A 111 -16.17 8.20 -4.50
CA ALA A 111 -17.46 8.82 -4.77
C ALA A 111 -18.58 8.10 -4.03
N GLY A 112 -18.77 6.82 -4.33
CA GLY A 112 -19.79 6.03 -3.66
C GLY A 112 -19.50 4.55 -3.65
N TRP A 113 -20.28 3.79 -2.87
CA TRP A 113 -20.15 2.34 -2.86
C TRP A 113 -20.42 1.77 -4.24
N GLU A 114 -19.57 0.83 -4.66
CA GLU A 114 -19.72 0.11 -5.91
C GLU A 114 -20.23 -1.30 -5.63
N PRO A 115 -20.79 -1.98 -6.63
CA PRO A 115 -21.37 -3.30 -6.36
C PRO A 115 -20.34 -4.43 -6.29
N ARG A 116 -20.84 -5.65 -6.19
CA ARG A 116 -20.02 -6.85 -6.13
C ARG A 116 -18.96 -6.85 -7.23
N PHE A 117 -17.75 -7.38 -6.95
CA PHE A 117 -17.28 -8.14 -5.77
C PHE A 117 -18.01 -9.46 -5.54
N GLY A 118 -18.57 -10.02 -6.61
CA GLY A 118 -19.29 -11.27 -6.51
C GLY A 118 -19.67 -11.81 -7.87
N THR A 119 -20.35 -12.96 -7.88
CA THR A 119 -20.87 -13.50 -9.13
C THR A 119 -22.23 -12.90 -9.41
N TRP A 120 -23.19 -13.16 -8.52
CA TRP A 120 -24.53 -12.57 -8.49
C TRP A 120 -25.25 -13.21 -7.30
N GLY A 121 -26.46 -12.73 -6.98
CA GLY A 121 -27.29 -13.31 -5.96
C GLY A 121 -28.54 -13.94 -6.56
N GLN A 122 -29.31 -14.59 -5.68
CA GLN A 122 -30.62 -15.09 -6.09
C GLN A 122 -31.72 -14.09 -5.76
N GLY A 123 -31.89 -13.76 -4.49
CA GLY A 123 -32.82 -12.74 -4.06
C GLY A 123 -34.08 -13.31 -3.45
N THR A 124 -34.76 -12.45 -2.70
CA THR A 124 -36.07 -12.73 -2.13
C THR A 124 -36.93 -11.50 -2.35
N GLN A 125 -38.19 -11.70 -2.75
CA GLN A 125 -39.07 -10.61 -3.11
C GLN A 125 -40.16 -10.44 -2.05
N VAL A 126 -40.46 -9.18 -1.72
CA VAL A 126 -41.50 -8.84 -0.76
C VAL A 126 -42.40 -7.84 -1.47
N THR A 127 -43.45 -8.34 -2.12
CA THR A 127 -44.43 -7.49 -2.80
C THR A 127 -45.70 -7.44 -1.95
N VAL A 128 -46.07 -6.24 -1.52
CA VAL A 128 -47.22 -6.01 -0.67
C VAL A 128 -48.14 -5.03 -1.39
N SER A 129 -49.42 -5.39 -1.51
CA SER A 129 -50.41 -4.56 -2.16
C SER A 129 -51.77 -4.80 -1.53
N SER A 130 -52.37 -3.73 -1.01
CA SER A 130 -53.68 -3.83 -0.39
C SER A 130 -54.74 -3.13 -1.23
N THR B 1 23.00 37.94 16.51
CA THR B 1 23.32 37.37 15.21
C THR B 1 22.21 37.67 14.22
N THR B 2 22.52 38.48 13.21
CA THR B 2 21.56 38.76 12.16
C THR B 2 21.76 37.83 10.97
N SER B 3 20.71 37.63 10.20
CA SER B 3 20.73 36.77 9.02
C SER B 3 19.45 37.04 8.23
N THR B 4 19.34 36.40 7.07
CA THR B 4 18.15 36.53 6.23
C THR B 4 17.14 35.48 6.65
N GLY B 5 15.89 35.90 6.83
CA GLY B 5 14.88 34.98 7.33
C GLY B 5 14.40 34.01 6.29
N GLU B 6 14.11 34.52 5.09
CA GLU B 6 13.42 33.72 4.08
C GLU B 6 14.27 32.54 3.61
N SER B 7 15.59 32.62 3.83
CA SER B 7 16.50 31.67 3.19
C SER B 7 16.27 30.24 3.67
N ALA B 8 15.60 30.07 4.81
CA ALA B 8 15.28 28.78 5.41
C ALA B 8 16.50 27.98 5.82
N ASP B 9 17.66 28.62 5.97
CA ASP B 9 18.85 27.89 6.35
C ASP B 9 18.94 27.83 7.87
N PRO B 10 19.46 26.74 8.45
CA PRO B 10 19.61 26.67 9.90
C PRO B 10 20.65 27.68 10.38
N VAL B 11 20.40 28.24 11.56
CA VAL B 11 21.32 29.14 12.22
C VAL B 11 21.13 29.00 13.72
N THR B 12 22.24 28.88 14.45
CA THR B 12 22.18 28.68 15.89
C THR B 12 23.10 29.70 16.56
N ALA B 13 22.67 30.23 17.70
CA ALA B 13 23.41 31.24 18.42
C ALA B 13 23.76 30.69 19.79
N THR B 14 25.05 30.65 20.10
CA THR B 14 25.54 30.11 21.35
C THR B 14 25.61 31.21 22.41
N VAL B 15 25.98 30.83 23.63
CA VAL B 15 26.06 31.81 24.71
C VAL B 15 27.41 32.51 24.70
N GLU B 16 28.29 32.19 23.75
CA GLU B 16 29.53 32.93 23.64
C GLU B 16 29.34 34.29 22.99
N ASN B 17 28.12 34.61 22.56
CA ASN B 17 27.88 35.91 21.96
C ASN B 17 28.00 37.02 23.00
N TYR B 18 27.58 36.73 24.24
CA TYR B 18 27.69 37.70 25.33
C TYR B 18 28.54 37.22 26.49
N GLY B 19 29.59 36.46 26.23
CA GLY B 19 30.58 36.14 27.23
C GLY B 19 30.40 34.84 27.99
N GLY B 20 29.42 34.01 27.64
CA GLY B 20 29.17 32.79 28.37
C GLY B 20 30.14 31.66 28.08
N GLU B 21 29.64 30.42 28.16
CA GLU B 21 30.46 29.22 28.08
C GLU B 21 29.57 28.08 27.59
N THR B 22 30.11 27.22 26.73
CA THR B 22 29.31 26.13 26.18
C THR B 22 29.76 24.79 26.75
N GLN B 23 28.81 24.02 27.27
CA GLN B 23 29.10 22.86 28.08
C GLN B 23 28.92 21.56 27.28
N VAL B 24 29.06 20.43 27.96
CA VAL B 24 29.07 19.10 27.36
C VAL B 24 27.65 18.58 27.29
N GLN B 25 27.38 17.76 26.28
CA GLN B 25 26.06 17.20 26.05
C GLN B 25 26.13 15.68 25.99
N ARG B 26 25.07 15.04 26.49
CA ARG B 26 24.89 13.60 26.41
C ARG B 26 23.46 13.35 25.97
N ARG B 27 23.29 12.81 24.77
CA ARG B 27 21.97 12.65 24.18
C ARG B 27 21.61 11.19 23.92
N HIS B 28 21.86 10.31 24.88
CA HIS B 28 21.58 8.89 24.68
C HIS B 28 20.10 8.56 24.76
N HIS B 29 19.31 9.38 25.45
CA HIS B 29 17.93 9.01 25.76
C HIS B 29 16.96 9.37 24.64
N THR B 30 17.40 10.09 23.61
CA THR B 30 16.53 10.50 22.54
C THR B 30 16.74 9.71 21.25
N ASP B 31 17.64 8.74 21.25
CA ASP B 31 17.87 7.92 20.08
C ASP B 31 16.62 7.13 19.74
N VAL B 32 16.37 6.94 18.45
CA VAL B 32 15.15 6.27 18.02
C VAL B 32 15.17 4.82 18.45
N SER B 33 16.29 4.13 18.24
CA SER B 33 16.37 2.72 18.58
C SER B 33 16.11 2.48 20.05
N PHE B 34 16.71 3.31 20.90
CA PHE B 34 16.56 3.16 22.35
C PHE B 34 15.12 3.36 22.79
N ILE B 35 14.55 4.54 22.49
CA ILE B 35 13.32 4.96 23.16
C ILE B 35 12.14 4.10 22.73
N LEU B 36 12.17 3.57 21.51
CA LEU B 36 11.04 2.81 20.98
C LEU B 36 11.09 1.35 21.36
N ASP B 37 12.04 0.95 22.19
CA ASP B 37 12.26 -0.46 22.54
C ASP B 37 11.66 -0.72 23.92
N ARG B 38 10.35 -0.91 23.99
CA ARG B 38 9.66 -1.19 25.24
C ARG B 38 8.23 -1.62 24.94
N PHE B 39 7.61 -2.34 25.86
CA PHE B 39 6.29 -2.92 25.60
C PHE B 39 5.20 -1.86 25.71
N VAL B 40 4.12 -2.07 24.95
CA VAL B 40 2.99 -1.15 24.94
C VAL B 40 1.70 -1.96 24.87
N LYS B 41 0.73 -1.64 25.73
CA LYS B 41 -0.49 -2.42 25.79
C LYS B 41 -1.42 -2.07 24.63
N VAL B 42 -2.26 -3.03 24.24
CA VAL B 42 -3.19 -2.90 23.13
C VAL B 42 -4.49 -3.59 23.53
N THR B 43 -5.62 -2.99 23.19
CA THR B 43 -6.91 -3.63 23.50
C THR B 43 -7.15 -4.78 22.54
N PRO B 44 -7.20 -6.01 23.02
CA PRO B 44 -7.30 -7.17 22.15
C PRO B 44 -8.76 -7.55 21.89
N LYS B 45 -8.95 -8.42 20.89
CA LYS B 45 -10.25 -8.98 20.55
C LYS B 45 -10.23 -10.46 20.87
N ASP B 46 -11.41 -11.06 21.00
CA ASP B 46 -11.55 -12.40 21.52
C ASP B 46 -10.85 -13.47 20.68
N SER B 47 -11.20 -13.59 19.40
CA SER B 47 -10.67 -14.71 18.63
C SER B 47 -9.53 -14.31 17.70
N ILE B 48 -9.75 -13.39 16.76
CA ILE B 48 -8.76 -13.15 15.73
C ILE B 48 -8.24 -11.72 15.81
N ASN B 49 -6.92 -11.58 15.82
CA ASN B 49 -6.26 -10.29 15.90
C ASN B 49 -5.29 -10.14 14.75
N VAL B 50 -5.28 -8.98 14.12
CA VAL B 50 -4.37 -8.67 13.03
C VAL B 50 -3.28 -7.78 13.60
N LEU B 51 -2.04 -8.23 13.56
CA LEU B 51 -0.93 -7.49 14.14
C LEU B 51 -0.57 -6.32 13.22
N ASP B 52 -0.98 -5.12 13.62
CA ASP B 52 -0.73 -3.91 12.86
C ASP B 52 -0.27 -2.86 13.85
N LEU B 53 0.82 -2.17 13.53
CA LEU B 53 1.43 -1.23 14.45
C LEU B 53 0.64 0.06 14.63
N MET B 54 -0.45 0.24 13.90
CA MET B 54 -1.26 1.43 14.09
C MET B 54 -2.39 1.21 15.09
N GLN B 55 -2.34 0.13 15.85
CA GLN B 55 -3.36 -0.11 16.87
C GLN B 55 -2.92 0.33 18.26
N THR B 56 -1.67 0.73 18.42
CA THR B 56 -1.27 1.37 19.66
C THR B 56 -1.97 2.72 19.79
N PRO B 57 -2.47 3.06 20.98
CA PRO B 57 -3.17 4.34 21.13
C PRO B 57 -2.24 5.52 20.90
N SER B 58 -2.79 6.60 20.36
CA SER B 58 -1.94 7.69 19.89
C SER B 58 -1.42 8.53 21.04
N HIS B 59 -1.95 8.34 22.24
CA HIS B 59 -1.51 9.16 23.36
C HIS B 59 -0.37 8.53 24.14
N THR B 60 -0.16 7.23 24.02
CA THR B 60 0.92 6.57 24.76
C THR B 60 2.27 7.02 24.23
N LEU B 61 3.34 6.62 24.94
CA LEU B 61 4.67 7.06 24.58
C LEU B 61 5.08 6.51 23.22
N VAL B 62 4.89 5.22 23.01
CA VAL B 62 5.32 4.61 21.75
C VAL B 62 4.40 5.04 20.62
N GLY B 63 3.11 5.14 20.89
CA GLY B 63 2.15 5.47 19.84
C GLY B 63 2.45 6.77 19.13
N ALA B 64 2.68 7.85 19.87
CA ALA B 64 2.86 9.15 19.25
C ALA B 64 4.26 9.31 18.66
N LEU B 65 5.27 8.87 19.39
CA LEU B 65 6.64 8.93 18.89
C LEU B 65 6.78 8.11 17.61
N LEU B 66 5.97 7.06 17.45
CA LEU B 66 5.96 6.36 16.17
C LEU B 66 5.27 7.18 15.09
N ARG B 67 4.20 7.88 15.46
CA ARG B 67 3.38 8.63 14.52
C ARG B 67 4.03 9.94 14.10
N THR B 68 5.19 10.29 14.65
CA THR B 68 5.92 11.41 14.04
C THR B 68 6.92 10.97 12.99
N ALA B 69 6.73 9.83 12.35
CA ALA B 69 7.51 9.42 11.19
C ALA B 69 6.57 9.02 10.06
N THR B 70 6.98 9.28 8.82
CA THR B 70 6.13 8.95 7.70
C THR B 70 6.35 7.51 7.23
N TYR B 71 7.60 7.05 7.27
CA TYR B 71 7.97 5.70 6.88
C TYR B 71 8.82 5.07 7.97
N TYR B 72 8.72 3.75 8.12
CA TYR B 72 9.45 3.09 9.19
C TYR B 72 9.71 1.63 8.85
N PHE B 73 10.54 0.99 9.67
CA PHE B 73 10.86 -0.41 9.55
C PHE B 73 11.22 -0.95 10.92
N ALA B 74 10.75 -2.17 11.24
CA ALA B 74 11.11 -2.80 12.50
C ALA B 74 10.66 -4.25 12.48
N ASP B 75 11.34 -5.07 13.28
CA ASP B 75 10.88 -6.40 13.61
C ASP B 75 9.84 -6.32 14.73
N LEU B 76 9.36 -7.46 15.23
CA LEU B 76 8.29 -7.40 16.21
C LEU B 76 8.44 -8.52 17.23
N GLU B 77 8.02 -8.22 18.46
CA GLU B 77 7.87 -9.19 19.53
C GLU B 77 6.51 -9.00 20.14
N VAL B 78 5.83 -10.09 20.48
CA VAL B 78 4.53 -10.01 21.12
C VAL B 78 4.54 -10.84 22.39
N ALA B 79 3.68 -10.47 23.33
CA ALA B 79 3.52 -11.16 24.61
C ALA B 79 2.04 -11.36 24.84
N VAL B 80 1.58 -12.60 24.79
CA VAL B 80 0.16 -12.92 24.77
C VAL B 80 -0.21 -13.75 26.00
N LYS B 81 -1.36 -13.45 26.57
CA LYS B 81 -1.94 -14.20 27.69
C LYS B 81 -3.26 -14.77 27.22
N HIS B 82 -3.34 -16.10 27.10
CA HIS B 82 -4.41 -16.74 26.35
C HIS B 82 -4.88 -18.00 27.06
N LYS B 83 -5.83 -18.69 26.44
CA LYS B 83 -6.27 -20.02 26.85
C LYS B 83 -6.36 -20.88 25.59
N GLY B 84 -5.85 -22.11 25.70
CA GLY B 84 -5.79 -22.95 24.52
C GLY B 84 -4.43 -22.86 23.88
N ASP B 85 -4.39 -22.89 22.56
CA ASP B 85 -3.14 -22.83 21.80
C ASP B 85 -3.17 -21.66 20.84
N LEU B 86 -1.99 -21.10 20.57
CA LEU B 86 -1.85 -19.84 19.85
C LEU B 86 -1.17 -20.10 18.52
N THR B 87 -1.76 -19.63 17.43
CA THR B 87 -1.26 -19.90 16.08
C THR B 87 -0.98 -18.59 15.37
N TRP B 88 0.22 -18.46 14.81
CA TRP B 88 0.60 -17.27 14.04
C TRP B 88 0.63 -17.61 12.56
N VAL B 89 0.36 -16.61 11.72
CA VAL B 89 0.24 -16.80 10.27
C VAL B 89 0.86 -15.61 9.54
N PRO B 90 1.69 -15.84 8.53
CA PRO B 90 2.44 -14.72 7.92
C PRO B 90 1.54 -13.77 7.15
N ASN B 91 2.19 -12.75 6.59
CA ASN B 91 1.46 -11.71 5.87
C ASN B 91 0.86 -12.27 4.58
N GLY B 92 -0.43 -12.02 4.40
CA GLY B 92 -1.08 -12.27 3.12
C GLY B 92 -1.53 -13.70 2.91
N ALA B 93 -1.85 -14.39 3.99
CA ALA B 93 -2.22 -15.79 3.90
C ALA B 93 -3.71 -15.97 4.12
N PRO B 94 -4.29 -17.05 3.60
CA PRO B 94 -5.75 -17.23 3.73
C PRO B 94 -6.17 -17.32 5.19
N VAL B 95 -7.44 -17.02 5.44
CA VAL B 95 -7.92 -16.98 6.81
C VAL B 95 -8.32 -18.37 7.28
N ALA B 96 -8.33 -19.35 6.37
CA ALA B 96 -8.54 -20.73 6.78
C ALA B 96 -7.33 -21.30 7.49
N ALA B 97 -6.14 -20.76 7.24
CA ALA B 97 -4.92 -21.30 7.83
C ALA B 97 -4.83 -21.04 9.32
N LEU B 98 -5.74 -20.26 9.89
CA LEU B 98 -5.70 -20.00 11.32
C LEU B 98 -6.10 -21.22 12.14
N ASP B 99 -6.61 -22.27 11.50
CA ASP B 99 -7.07 -23.47 12.18
C ASP B 99 -6.08 -24.62 12.10
N ASN B 100 -5.07 -24.53 11.25
CA ASN B 100 -4.13 -25.61 11.01
C ASN B 100 -2.99 -25.54 12.02
N THR B 101 -2.52 -26.70 12.47
CA THR B 101 -1.56 -26.75 13.56
C THR B 101 -0.12 -26.69 13.06
N THR B 102 0.12 -27.05 11.79
CA THR B 102 1.48 -27.01 11.27
C THR B 102 2.07 -25.61 11.28
N ASN B 103 1.22 -24.57 11.24
CA ASN B 103 1.71 -23.21 11.39
C ASN B 103 2.19 -23.01 12.82
N PRO B 104 3.15 -22.11 13.03
CA PRO B 104 3.80 -22.01 14.35
C PRO B 104 2.78 -21.86 15.47
N THR B 105 2.70 -22.88 16.31
CA THR B 105 1.72 -22.94 17.38
C THR B 105 2.45 -23.12 18.70
N ALA B 106 2.11 -22.28 19.68
CA ALA B 106 2.72 -22.33 21.00
C ALA B 106 1.72 -22.91 21.99
N TYR B 107 2.04 -24.07 22.54
CA TYR B 107 1.16 -24.72 23.51
C TYR B 107 1.16 -23.95 24.82
N HIS B 108 0.01 -23.97 25.49
CA HIS B 108 -0.19 -23.13 26.66
C HIS B 108 0.80 -23.47 27.77
N LYS B 109 1.43 -22.44 28.34
CA LYS B 109 2.30 -22.58 29.49
C LYS B 109 2.21 -21.29 30.29
N ALA B 110 1.79 -21.41 31.54
CA ALA B 110 1.46 -20.25 32.35
C ALA B 110 2.72 -19.54 32.82
N PRO B 111 2.67 -18.21 32.98
CA PRO B 111 1.51 -17.34 32.81
C PRO B 111 1.27 -16.77 31.41
N LEU B 112 2.33 -16.52 30.65
CA LEU B 112 2.20 -15.92 29.33
C LEU B 112 3.25 -16.50 28.40
N THR B 113 3.26 -16.03 27.15
CA THR B 113 4.09 -16.59 26.10
C THR B 113 4.65 -15.46 25.24
N ARG B 114 5.96 -15.34 25.20
CA ARG B 114 6.64 -14.27 24.48
C ARG B 114 7.31 -14.83 23.24
N LEU B 115 7.09 -14.17 22.09
CA LEU B 115 7.58 -14.66 20.81
C LEU B 115 8.41 -13.61 20.09
N ALA B 116 9.08 -14.00 19.01
CA ALA B 116 9.80 -13.06 18.16
C ALA B 116 9.49 -13.36 16.71
N LEU B 117 8.95 -12.36 16.01
CA LEU B 117 8.50 -12.53 14.64
C LEU B 117 9.33 -11.66 13.71
N PRO B 118 9.54 -12.09 12.47
CA PRO B 118 10.28 -11.26 11.51
C PRO B 118 9.38 -10.24 10.84
N TYR B 119 9.95 -9.55 9.85
CA TYR B 119 9.22 -8.61 9.02
C TYR B 119 8.88 -9.29 7.71
N THR B 120 7.58 -9.46 7.43
CA THR B 120 7.14 -10.25 6.29
C THR B 120 6.28 -9.47 5.30
N ALA B 121 6.46 -8.19 5.18
CA ALA B 121 5.64 -7.50 4.20
C ALA B 121 6.35 -7.42 2.87
N PRO B 122 5.61 -7.27 1.76
CA PRO B 122 6.27 -7.24 0.46
C PRO B 122 6.91 -5.91 0.10
N HIS B 123 6.56 -4.83 0.80
CA HIS B 123 7.13 -3.53 0.48
C HIS B 123 8.48 -3.36 1.15
N ARG B 124 9.24 -2.38 0.69
CA ARG B 124 10.56 -2.15 1.26
C ARG B 124 10.48 -1.40 2.57
N VAL B 125 9.32 -0.80 2.87
CA VAL B 125 9.16 0.06 4.03
C VAL B 125 7.67 0.24 4.27
N LEU B 126 7.29 0.52 5.51
CA LEU B 126 5.89 0.73 5.83
C LEU B 126 5.61 2.23 5.97
N ALA B 127 4.35 2.58 6.21
CA ALA B 127 3.96 3.97 6.26
C ALA B 127 2.90 4.18 7.32
N THR B 128 2.94 5.35 7.97
CA THR B 128 1.94 5.68 8.97
C THR B 128 0.78 6.47 8.38
N VAL B 129 0.99 7.11 7.23
CA VAL B 129 -0.04 7.92 6.57
C VAL B 129 0.11 7.73 5.07
N TYR B 130 -1.01 7.68 4.35
CA TYR B 130 -1.03 7.32 2.94
C TYR B 130 -2.05 8.17 2.21
N ASN B 131 -1.65 8.79 1.11
CA ASN B 131 -2.51 9.67 0.33
C ASN B 131 -3.04 8.94 -0.88
N GLY B 132 -3.98 8.02 -0.65
CA GLY B 132 -4.50 7.23 -1.75
C GLY B 132 -5.91 7.60 -2.12
N LYS B 133 -6.73 7.92 -1.11
CA LYS B 133 -8.11 8.26 -1.36
C LYS B 133 -8.27 9.55 -2.17
N CYS B 134 -7.16 10.22 -2.48
CA CYS B 134 -7.17 11.43 -3.30
C CYS B 134 -8.08 12.49 -2.69
N LYS B 135 -7.90 12.77 -1.41
CA LYS B 135 -8.68 13.81 -0.75
C LYS B 135 -7.83 14.55 0.28
N VAL B 144 -31.11 13.15 0.77
CA VAL B 144 -29.80 13.73 0.47
C VAL B 144 -28.72 12.73 0.91
N ARG B 145 -27.50 12.92 0.43
CA ARG B 145 -26.38 12.04 0.73
C ARG B 145 -25.56 12.51 1.92
N GLY B 146 -26.20 13.17 2.90
CA GLY B 146 -25.46 13.74 4.02
C GLY B 146 -24.68 12.72 4.83
N ASP B 147 -25.36 11.71 5.36
CA ASP B 147 -24.68 10.69 6.16
C ASP B 147 -23.98 9.68 5.27
N LEU B 148 -24.57 9.40 4.11
CA LEU B 148 -23.99 8.45 3.16
C LEU B 148 -22.54 8.79 2.85
N GLN B 149 -22.28 10.02 2.42
CA GLN B 149 -20.92 10.41 2.07
C GLN B 149 -20.03 10.48 3.30
N VAL B 150 -20.61 10.87 4.45
CA VAL B 150 -19.82 10.92 5.68
C VAL B 150 -19.21 9.56 5.97
N LEU B 151 -20.05 8.54 6.11
CA LEU B 151 -19.58 7.20 6.44
C LEU B 151 -18.98 6.46 5.25
N ALA B 152 -19.11 7.01 4.04
CA ALA B 152 -18.36 6.45 2.91
C ALA B 152 -16.91 6.91 2.96
N GLN B 153 -16.68 8.22 3.08
CA GLN B 153 -15.32 8.73 3.11
C GLN B 153 -14.59 8.31 4.39
N LYS B 154 -15.31 8.31 5.52
CA LYS B 154 -14.69 7.93 6.79
C LYS B 154 -14.11 6.52 6.73
N ALA B 155 -14.71 5.64 5.92
CA ALA B 155 -14.18 4.30 5.74
C ALA B 155 -13.39 4.17 4.45
N ALA B 156 -13.38 5.23 3.64
CA ALA B 156 -12.60 5.27 2.42
C ALA B 156 -11.28 6.02 2.59
N ARG B 157 -10.94 6.42 3.81
CA ARG B 157 -9.60 6.96 4.09
C ARG B 157 -8.84 6.18 5.17
N PRO B 158 -8.82 4.81 5.10
CA PRO B 158 -7.84 4.09 5.92
C PRO B 158 -6.57 3.79 5.15
N LEU B 159 -5.65 3.06 5.77
CA LEU B 159 -4.42 2.67 5.09
C LEU B 159 -4.65 1.41 4.26
N PRO B 160 -3.74 1.10 3.34
CA PRO B 160 -3.83 -0.17 2.62
C PRO B 160 -3.78 -1.36 3.57
N THR B 161 -4.12 -2.52 3.04
CA THR B 161 -4.32 -3.71 3.85
C THR B 161 -3.08 -4.56 4.01
N SER B 162 -2.04 -4.33 3.21
CA SER B 162 -0.83 -5.11 3.31
C SER B 162 0.17 -4.51 4.29
N PHE B 163 -0.26 -3.58 5.13
CA PHE B 163 0.60 -2.96 6.13
C PHE B 163 0.36 -3.67 7.47
N ASN B 164 0.84 -4.91 7.59
CA ASN B 164 0.65 -5.63 8.84
C ASN B 164 1.71 -6.70 8.95
N TYR B 165 1.83 -7.27 10.15
CA TYR B 165 2.85 -8.26 10.46
C TYR B 165 2.30 -9.67 10.53
N GLY B 166 1.03 -9.88 10.21
CA GLY B 166 0.42 -11.20 10.30
C GLY B 166 -0.83 -11.17 11.16
N ALA B 167 -1.17 -12.35 11.69
CA ALA B 167 -2.36 -12.51 12.51
C ALA B 167 -2.14 -13.61 13.54
N ILE B 168 -2.89 -13.54 14.63
CA ILE B 168 -2.90 -14.58 15.65
C ILE B 168 -4.33 -14.91 16.03
N LYS B 169 -4.54 -16.14 16.48
CA LYS B 169 -5.85 -16.60 16.89
C LYS B 169 -5.68 -17.56 18.05
N ALA B 170 -6.62 -17.50 18.99
CA ALA B 170 -6.64 -18.41 20.13
C ALA B 170 -8.07 -18.54 20.60
N THR B 171 -8.29 -19.48 21.54
CA THR B 171 -9.64 -19.68 22.07
C THR B 171 -10.13 -18.44 22.79
N ARG B 172 -9.24 -17.74 23.48
CA ARG B 172 -9.54 -16.42 24.01
C ARG B 172 -8.24 -15.70 24.26
N VAL B 173 -8.21 -14.40 23.95
CA VAL B 173 -7.03 -13.57 24.15
C VAL B 173 -7.37 -12.54 25.21
N THR B 174 -6.49 -12.39 26.20
CA THR B 174 -6.77 -11.50 27.32
C THR B 174 -5.84 -10.29 27.32
N GLU B 175 -4.57 -10.47 26.94
CA GLU B 175 -3.62 -9.38 26.86
C GLU B 175 -2.81 -9.51 25.59
N LEU B 176 -2.19 -8.42 25.16
CA LEU B 176 -1.42 -8.38 23.92
C LEU B 176 -0.58 -7.12 23.92
N LEU B 177 0.74 -7.26 23.84
CA LEU B 177 1.66 -6.15 23.92
C LEU B 177 2.68 -6.22 22.80
N TYR B 178 3.08 -5.07 22.27
CA TYR B 178 3.99 -4.97 21.13
C TYR B 178 5.34 -4.43 21.58
N ARG B 179 6.41 -4.87 20.91
CA ARG B 179 7.74 -4.35 21.14
C ARG B 179 8.51 -4.34 19.83
N MET B 180 9.07 -3.19 19.49
CA MET B 180 9.77 -2.99 18.23
C MET B 180 11.28 -3.09 18.41
N LYS B 181 11.94 -3.74 17.46
CA LYS B 181 13.38 -3.92 17.49
C LYS B 181 14.01 -3.38 16.20
N ARG B 182 15.19 -2.78 16.32
CA ARG B 182 15.92 -2.22 15.19
C ARG B 182 15.15 -1.12 14.46
N ALA B 183 14.47 -0.26 15.21
CA ALA B 183 13.59 0.72 14.58
C ALA B 183 14.38 1.74 13.78
N GLU B 184 13.84 2.09 12.61
CA GLU B 184 14.36 3.15 11.75
C GLU B 184 13.19 4.00 11.30
N THR B 185 13.42 5.30 11.16
CA THR B 185 12.35 6.24 10.89
C THR B 185 12.82 7.28 9.89
N TYR B 186 11.91 7.71 9.01
CA TYR B 186 12.18 8.64 7.93
C TYR B 186 11.14 9.75 7.94
N CYS B 187 11.53 10.93 7.45
CA CYS B 187 10.63 12.04 7.10
C CYS B 187 9.70 12.51 8.22
N PRO B 188 10.21 13.26 9.20
CA PRO B 188 9.41 13.60 10.39
C PRO B 188 8.13 14.36 10.10
N ARG B 189 7.24 14.37 11.10
CA ARG B 189 5.91 14.95 11.07
C ARG B 189 5.62 15.68 12.37
N PRO B 190 4.50 16.39 12.50
CA PRO B 190 4.23 17.12 13.74
C PRO B 190 4.00 16.21 14.95
N LEU B 191 4.24 16.78 16.13
CA LEU B 191 4.03 16.13 17.42
C LEU B 191 3.61 17.20 18.42
N LEU B 192 2.41 17.07 18.99
CA LEU B 192 1.83 18.14 19.79
C LEU B 192 1.59 17.70 21.22
N ALA B 193 1.61 18.67 22.13
CA ALA B 193 1.38 18.48 23.55
C ALA B 193 -0.02 18.93 23.91
N VAL B 194 -0.45 18.56 25.11
CA VAL B 194 -1.74 18.99 25.62
C VAL B 194 -1.77 20.50 25.76
N HIS B 195 -2.80 21.13 25.16
CA HIS B 195 -2.88 22.58 25.17
C HIS B 195 -3.48 23.07 26.47
N PRO B 196 -2.72 23.79 27.29
CA PRO B 196 -3.25 24.28 28.57
C PRO B 196 -4.40 25.24 28.34
N SER B 197 -5.37 25.23 29.27
CA SER B 197 -6.39 26.27 29.30
C SER B 197 -5.94 27.50 30.06
N ALA B 198 -5.24 27.32 31.18
CA ALA B 198 -4.74 28.42 32.00
C ALA B 198 -3.33 28.79 31.55
N ALA B 199 -2.62 29.55 32.38
CA ALA B 199 -1.26 29.98 32.05
C ALA B 199 -0.28 28.82 31.99
N ARG B 200 -0.59 27.67 32.59
CA ARG B 200 0.27 26.50 32.54
C ARG B 200 -0.55 25.25 32.84
N HIS B 201 -0.19 24.14 32.20
CA HIS B 201 -0.78 22.84 32.50
C HIS B 201 0.22 22.03 33.31
N LYS B 202 -0.12 21.76 34.57
CA LYS B 202 0.83 21.22 35.54
C LYS B 202 0.40 19.81 35.97
N GLN B 203 1.29 18.84 35.82
CA GLN B 203 1.10 17.57 36.49
C GLN B 203 1.34 17.74 37.98
N LYS B 204 0.57 17.01 38.79
CA LYS B 204 0.82 16.98 40.23
C LYS B 204 1.95 16.00 40.50
N ILE B 205 3.15 16.54 40.71
CA ILE B 205 4.35 15.73 40.86
C ILE B 205 4.28 14.96 42.17
N VAL B 206 5.16 13.96 42.32
CA VAL B 206 5.20 13.17 43.55
C VAL B 206 5.50 14.09 44.73
N ALA B 207 4.50 14.27 45.58
CA ALA B 207 4.58 15.16 46.74
C ALA B 207 3.37 14.93 47.63
N PRO B 208 3.58 14.77 48.95
CA PRO B 208 2.49 14.70 49.93
C PRO B 208 2.10 16.07 50.49
N ARG C 1 21.11 39.91 -6.86
CA ARG C 1 20.91 38.51 -6.49
C ARG C 1 20.18 37.78 -7.61
N ILE C 2 20.78 37.78 -8.80
CA ILE C 2 20.12 37.21 -9.96
C ILE C 2 20.40 35.72 -10.03
N LEU C 3 19.41 34.96 -10.49
CA LEU C 3 19.53 33.52 -10.64
C LEU C 3 18.74 33.09 -11.86
N THR C 4 19.29 32.18 -12.64
CA THR C 4 18.72 31.76 -13.92
C THR C 4 18.62 30.24 -13.94
N THR C 5 17.41 29.72 -14.08
CA THR C 5 17.21 28.28 -14.19
C THR C 5 16.80 27.93 -15.61
N ARG C 6 17.10 26.70 -16.01
CA ARG C 6 16.82 26.24 -17.36
C ARG C 6 16.49 24.76 -17.32
N ASN C 7 15.39 24.37 -17.92
CA ASN C 7 14.96 22.98 -18.03
C ASN C 7 14.54 22.72 -19.46
N GLY C 8 15.34 21.93 -20.17
CA GLY C 8 15.03 21.66 -21.55
C GLY C 8 15.28 22.88 -22.40
N HIS C 9 14.30 23.28 -23.20
CA HIS C 9 14.40 24.46 -24.04
C HIS C 9 13.65 25.66 -23.48
N THR C 10 13.45 25.72 -22.18
CA THR C 10 12.77 26.81 -21.49
C THR C 10 13.66 27.38 -20.40
N THR C 11 13.46 28.66 -20.07
CA THR C 11 14.25 29.33 -19.05
C THR C 11 13.37 30.16 -18.14
N SER C 12 13.99 30.76 -17.14
CA SER C 12 13.29 31.57 -16.14
C SER C 12 14.33 32.35 -15.35
N THR C 13 14.08 33.65 -15.19
CA THR C 13 15.05 34.55 -14.57
C THR C 13 14.36 35.39 -13.51
N THR C 14 15.02 35.52 -12.36
CA THR C 14 14.51 36.34 -11.25
C THR C 14 15.64 37.20 -10.73
N GLN C 15 15.30 38.34 -10.13
CA GLN C 15 16.34 39.25 -9.67
C GLN C 15 16.35 39.39 -8.15
N SER C 16 15.32 38.92 -7.47
CA SER C 16 15.25 38.96 -6.02
C SER C 16 15.14 37.53 -5.50
N SER C 17 16.27 36.85 -5.34
CA SER C 17 16.27 35.45 -5.00
C SER C 17 17.19 35.20 -3.81
N VAL C 18 16.76 34.32 -2.91
CA VAL C 18 17.52 34.01 -1.71
C VAL C 18 18.07 32.59 -1.69
N GLY C 19 18.13 31.93 -2.85
CA GLY C 19 18.75 30.62 -2.96
C GLY C 19 17.76 29.54 -3.32
N ILE C 20 18.26 28.31 -3.31
CA ILE C 20 17.45 27.11 -3.55
C ILE C 20 17.48 26.26 -2.29
N THR C 21 16.37 25.57 -2.04
CA THR C 21 16.30 24.71 -0.89
C THR C 21 16.26 23.29 -1.39
N HIS C 22 17.21 22.48 -0.96
CA HIS C 22 17.23 21.10 -1.37
C HIS C 22 16.60 20.40 -0.19
N GLY C 23 15.49 19.72 -0.42
CA GLY C 23 14.79 19.08 0.67
C GLY C 23 14.92 17.58 0.61
N TYR C 24 15.36 16.97 1.70
CA TYR C 24 15.35 15.53 1.94
C TYR C 24 16.41 14.74 1.20
N ALA C 25 17.09 15.34 0.22
CA ALA C 25 18.23 14.72 -0.46
C ALA C 25 18.73 15.66 -1.54
N THR C 26 19.97 15.44 -1.96
CA THR C 26 20.57 16.25 -3.02
C THR C 26 20.84 15.44 -4.27
N ALA C 27 20.68 14.12 -4.21
CA ALA C 27 20.90 13.25 -5.36
C ALA C 27 19.77 12.25 -5.48
N GLU C 28 19.75 11.52 -6.59
CA GLU C 28 18.77 10.47 -6.77
C GLU C 28 19.40 9.10 -6.54
N ASP C 29 18.62 8.21 -5.94
CA ASP C 29 19.09 6.88 -5.56
C ASP C 29 18.89 5.89 -6.70
N PHE C 30 19.00 4.60 -6.40
CA PHE C 30 19.04 3.57 -7.42
C PHE C 30 17.73 3.49 -8.18
N VAL C 31 17.81 3.58 -9.50
CA VAL C 31 16.61 3.57 -10.35
C VAL C 31 16.31 2.18 -10.86
N ASN C 32 17.34 1.37 -11.11
CA ASN C 32 17.18 0.02 -11.62
C ASN C 32 17.05 -0.92 -10.43
N GLY C 33 15.93 -1.61 -10.33
CA GLY C 33 15.70 -2.53 -9.25
C GLY C 33 15.24 -3.89 -9.71
N PRO C 34 15.07 -4.81 -8.77
CA PRO C 34 14.60 -6.15 -9.14
C PRO C 34 13.12 -6.24 -9.46
N ASN C 35 12.40 -5.12 -9.48
CA ASN C 35 10.95 -5.21 -9.66
C ASN C 35 10.52 -4.89 -11.09
N THR C 36 11.40 -4.29 -11.88
CA THR C 36 11.05 -3.95 -13.25
C THR C 36 11.66 -4.88 -14.28
N SER C 37 12.51 -5.82 -13.88
CA SER C 37 13.13 -6.79 -14.77
C SER C 37 14.01 -6.13 -15.83
N GLY C 38 14.39 -4.88 -15.63
CA GLY C 38 15.26 -4.20 -16.58
C GLY C 38 14.57 -3.62 -17.79
N LEU C 39 13.31 -3.25 -17.66
CA LEU C 39 12.53 -2.75 -18.79
C LEU C 39 12.27 -1.25 -18.72
N GLU C 40 12.79 -0.55 -17.71
CA GLU C 40 12.57 0.88 -17.60
C GLU C 40 13.35 1.64 -18.66
N THR C 41 13.03 2.92 -18.82
CA THR C 41 13.69 3.78 -19.78
C THR C 41 13.45 5.23 -19.38
N ARG C 42 14.30 6.13 -19.85
CA ARG C 42 14.17 7.54 -19.53
C ARG C 42 13.52 8.32 -20.67
N VAL C 43 12.88 9.43 -20.31
CA VAL C 43 12.22 10.32 -21.27
C VAL C 43 12.68 11.74 -20.97
N VAL C 44 13.55 12.28 -21.81
CA VAL C 44 14.10 13.62 -21.55
C VAL C 44 13.24 14.70 -22.19
N GLN C 45 12.33 14.33 -23.08
CA GLN C 45 11.40 15.30 -23.64
C GLN C 45 10.32 15.73 -22.65
N ALA C 46 10.30 15.16 -21.46
CA ALA C 46 9.22 15.40 -20.52
C ALA C 46 9.59 16.35 -19.39
N GLU C 47 10.81 16.86 -19.37
CA GLU C 47 11.32 17.67 -18.26
C GLU C 47 11.38 19.13 -18.68
N ARG C 48 10.32 19.88 -18.43
CA ARG C 48 10.29 21.31 -18.69
C ARG C 48 9.16 21.94 -17.88
N PHE C 49 9.02 23.25 -18.00
CA PHE C 49 8.15 24.02 -17.13
C PHE C 49 6.69 24.00 -17.61
N PHE C 50 5.79 24.32 -16.69
CA PHE C 50 4.40 24.62 -17.01
C PHE C 50 3.81 25.43 -15.86
N LYS C 51 2.80 26.25 -16.15
CA LYS C 51 2.31 27.24 -15.22
C LYS C 51 0.90 26.94 -14.74
N THR C 52 0.52 27.60 -13.64
CA THR C 52 -0.81 27.43 -13.06
C THR C 52 -1.09 28.60 -12.12
N HIS C 53 -2.36 28.74 -11.77
CA HIS C 53 -2.84 29.80 -10.89
C HIS C 53 -3.24 29.19 -9.56
N LEU C 54 -2.90 29.88 -8.46
CA LEU C 54 -3.06 29.30 -7.13
C LEU C 54 -4.17 29.96 -6.34
N PHE C 55 -4.09 31.26 -6.06
CA PHE C 55 -5.16 31.99 -5.37
C PHE C 55 -4.79 33.46 -5.33
N ASP C 56 -5.70 34.26 -4.80
CA ASP C 56 -5.53 35.71 -4.73
C ASP C 56 -5.41 36.10 -3.26
N TRP C 57 -4.31 36.76 -2.93
CA TRP C 57 -3.99 37.11 -1.55
C TRP C 57 -4.58 38.48 -1.24
N VAL C 58 -5.72 38.50 -0.55
CA VAL C 58 -6.42 39.72 -0.21
C VAL C 58 -6.05 40.11 1.22
N THR C 59 -6.36 41.35 1.56
CA THR C 59 -6.00 41.86 2.88
C THR C 59 -6.90 41.34 3.99
N SER C 60 -7.93 40.58 3.65
CA SER C 60 -8.87 40.11 4.66
C SER C 60 -8.68 38.65 5.05
N ASP C 61 -7.55 38.03 4.73
CA ASP C 61 -7.37 36.62 5.08
C ASP C 61 -6.60 36.52 6.39
N PRO C 62 -7.13 35.82 7.38
CA PRO C 62 -6.44 35.73 8.67
C PRO C 62 -5.35 34.68 8.67
N PHE C 63 -4.61 34.57 9.77
CA PHE C 63 -3.58 33.53 9.89
C PHE C 63 -4.23 32.15 9.85
N GLY C 64 -3.59 31.23 9.14
CA GLY C 64 -4.06 29.88 9.09
C GLY C 64 -4.79 29.48 7.84
N ARG C 65 -4.96 30.39 6.88
CA ARG C 65 -5.60 30.05 5.61
C ARG C 65 -4.59 29.35 4.72
N TYR C 66 -5.00 28.24 4.11
CA TYR C 66 -4.08 27.39 3.34
C TYR C 66 -4.67 27.06 1.98
N TYR C 67 -3.81 26.63 1.06
CA TYR C 67 -4.21 26.21 -0.28
C TYR C 67 -3.42 24.95 -0.65
N LEU C 68 -4.14 23.90 -1.05
CA LEU C 68 -3.50 22.62 -1.36
C LEU C 68 -3.47 22.39 -2.87
N LEU C 69 -2.38 21.78 -3.34
CA LEU C 69 -2.21 21.47 -4.76
C LEU C 69 -1.52 20.12 -4.89
N GLU C 70 -2.22 19.14 -5.42
CA GLU C 70 -1.73 17.78 -5.51
C GLU C 70 -0.93 17.58 -6.78
N LEU C 71 0.24 16.96 -6.63
CA LEU C 71 1.18 16.70 -7.70
C LEU C 71 1.27 15.19 -7.93
N PRO C 72 1.19 14.73 -9.19
CA PRO C 72 1.06 15.44 -10.46
C PRO C 72 -0.38 15.73 -10.85
N THR C 73 -0.63 16.89 -11.43
CA THR C 73 -1.98 17.34 -11.68
C THR C 73 -2.36 17.09 -13.15
N ASP C 74 -3.55 17.55 -13.53
CA ASP C 74 -3.99 17.40 -14.91
C ASP C 74 -3.18 18.30 -15.83
N HIS C 75 -2.46 17.66 -16.76
CA HIS C 75 -1.55 18.35 -17.66
C HIS C 75 -1.82 17.84 -19.07
N LYS C 76 -1.38 18.59 -20.08
CA LYS C 76 -1.78 18.30 -21.45
C LYS C 76 -0.60 18.03 -22.38
N GLY C 77 0.62 18.28 -21.93
CA GLY C 77 1.79 18.15 -22.77
C GLY C 77 2.16 16.69 -23.02
N VAL C 78 3.47 16.46 -23.14
CA VAL C 78 3.94 15.09 -23.32
C VAL C 78 3.90 14.34 -22.00
N TYR C 79 4.10 15.06 -20.89
CA TYR C 79 4.02 14.43 -19.58
C TYR C 79 2.61 13.93 -19.29
N GLY C 80 1.59 14.71 -19.64
CA GLY C 80 0.22 14.27 -19.44
C GLY C 80 -0.19 13.09 -20.29
N SER C 81 0.56 12.79 -21.33
CA SER C 81 0.33 11.61 -22.16
C SER C 81 1.14 10.40 -21.69
N LEU C 82 2.28 10.64 -21.05
CA LEU C 82 3.01 9.54 -20.45
C LEU C 82 2.14 8.74 -19.49
N THR C 83 1.31 9.42 -18.70
CA THR C 83 0.44 8.72 -17.76
C THR C 83 -0.68 7.97 -18.47
N ASP C 84 -0.86 8.18 -19.78
CA ASP C 84 -1.82 7.42 -20.56
C ASP C 84 -1.15 6.32 -21.36
N SER C 85 0.15 6.38 -21.52
CA SER C 85 0.87 5.42 -22.35
C SER C 85 1.55 4.32 -21.54
N TYR C 86 1.76 4.51 -20.24
CA TYR C 86 2.52 3.56 -19.44
C TYR C 86 1.82 3.32 -18.12
N ALA C 87 2.31 2.33 -17.37
CA ALA C 87 1.65 1.88 -16.14
C ALA C 87 2.44 2.21 -14.87
N TYR C 88 3.75 2.41 -14.96
CA TYR C 88 4.55 2.72 -13.78
C TYR C 88 5.48 3.89 -14.09
N MET C 89 5.58 4.83 -13.16
CA MET C 89 6.40 6.02 -13.35
C MET C 89 7.07 6.41 -12.04
N ARG C 90 8.09 7.26 -12.15
CA ARG C 90 8.73 7.85 -10.99
C ARG C 90 9.49 9.09 -11.44
N ASN C 91 9.44 10.14 -10.62
CA ASN C 91 10.12 11.39 -10.98
C ASN C 91 10.13 12.32 -9.78
N GLY C 92 11.14 13.18 -9.75
CA GLY C 92 11.23 14.22 -8.76
C GLY C 92 10.67 15.52 -9.29
N TRP C 93 10.57 16.51 -8.42
CA TRP C 93 9.86 17.75 -8.73
C TRP C 93 10.77 18.94 -8.53
N ASP C 94 10.39 20.06 -9.14
CA ASP C 94 11.11 21.33 -9.02
C ASP C 94 10.09 22.45 -9.08
N VAL C 95 9.89 23.15 -7.97
CA VAL C 95 8.78 24.07 -7.83
C VAL C 95 9.29 25.49 -7.66
N GLU C 96 8.46 26.45 -8.03
CA GLU C 96 8.80 27.87 -7.92
C GLU C 96 7.51 28.66 -7.81
N VAL C 97 7.40 29.47 -6.75
CA VAL C 97 6.18 30.21 -6.46
C VAL C 97 6.51 31.69 -6.39
N THR C 98 5.64 32.51 -6.98
CA THR C 98 5.92 33.93 -7.20
C THR C 98 4.70 34.74 -6.80
N ALA C 99 4.92 35.81 -6.02
CA ALA C 99 3.86 36.74 -5.61
C ALA C 99 4.39 38.16 -5.78
N VAL C 100 3.88 38.87 -6.79
CA VAL C 100 4.46 40.13 -7.24
C VAL C 100 3.61 41.28 -6.72
N GLY C 101 4.13 41.98 -5.71
CA GLY C 101 3.66 43.30 -5.34
C GLY C 101 4.83 44.16 -4.90
N ASN C 102 4.63 45.48 -4.98
CA ASN C 102 5.74 46.40 -4.79
C ASN C 102 6.27 46.29 -3.37
N GLN C 103 7.42 46.89 -3.10
CA GLN C 103 8.15 46.73 -1.86
C GLN C 103 7.57 47.55 -0.71
N PHE C 104 6.42 48.17 -0.91
CA PHE C 104 5.74 48.90 0.15
C PHE C 104 4.59 48.11 0.75
N ASN C 105 4.63 46.79 0.68
CA ASN C 105 3.59 45.95 1.28
C ASN C 105 4.12 45.26 2.52
N GLY C 106 3.19 44.74 3.33
CA GLY C 106 3.55 43.99 4.51
C GLY C 106 2.87 42.65 4.47
N GLY C 107 3.35 41.74 5.31
CA GLY C 107 2.83 40.39 5.35
C GLY C 107 3.92 39.37 5.13
N CYS C 108 3.51 38.10 5.10
CA CYS C 108 4.44 37.00 4.94
C CYS C 108 3.67 35.78 4.46
N LEU C 109 4.33 34.97 3.64
CA LEU C 109 3.76 33.71 3.19
C LEU C 109 4.72 32.58 3.53
N LEU C 110 4.26 31.34 3.43
CA LEU C 110 5.11 30.20 3.71
C LEU C 110 4.71 29.07 2.78
N VAL C 111 5.63 28.68 1.90
CA VAL C 111 5.39 27.58 0.97
C VAL C 111 6.19 26.38 1.45
N ALA C 112 5.63 25.19 1.20
CA ALA C 112 6.23 23.97 1.72
C ALA C 112 5.76 22.79 0.89
N MET C 113 6.65 21.81 0.75
CA MET C 113 6.36 20.57 0.03
C MET C 113 6.17 19.45 1.05
N VAL C 114 4.96 18.91 1.11
CA VAL C 114 4.60 17.98 2.18
C VAL C 114 4.32 16.60 1.58
N PRO C 115 5.02 15.54 2.01
CA PRO C 115 4.68 14.22 1.50
C PRO C 115 3.43 13.67 2.18
N GLU C 116 2.45 13.33 1.35
CA GLU C 116 1.24 12.61 1.77
C GLU C 116 0.45 13.41 2.81
N LEU C 117 0.04 14.62 2.40
CA LEU C 117 -0.75 15.49 3.26
C LEU C 117 -2.23 15.14 3.11
N CYS C 118 -2.88 14.81 4.23
CA CYS C 118 -4.30 14.51 4.26
C CYS C 118 -4.92 15.21 5.46
N SER C 119 -5.46 16.41 5.24
CA SER C 119 -6.25 17.12 6.24
C SER C 119 -5.48 17.32 7.55
N ILE C 120 -4.44 18.14 7.48
CA ILE C 120 -3.71 18.52 8.68
C ILE C 120 -4.67 19.16 9.68
N GLU C 121 -4.37 18.96 10.97
CA GLU C 121 -5.19 19.53 12.02
C GLU C 121 -4.99 21.04 12.07
N GLN C 122 -5.77 21.71 12.92
CA GLN C 122 -5.68 23.15 13.06
C GLN C 122 -4.47 23.55 13.89
N ARG C 123 -4.18 22.80 14.95
CA ARG C 123 -3.04 23.11 15.79
C ARG C 123 -1.73 22.68 15.13
N GLU C 124 -1.80 21.76 14.17
CA GLU C 124 -0.59 21.28 13.52
C GLU C 124 -0.01 22.30 12.57
N LEU C 125 -0.76 23.37 12.28
CA LEU C 125 -0.26 24.40 11.37
C LEU C 125 0.89 25.19 11.99
N PHE C 126 0.99 25.17 13.32
CA PHE C 126 2.07 25.88 13.98
C PHE C 126 3.42 25.19 13.79
N GLN C 127 3.43 23.96 13.28
CA GLN C 127 4.66 23.20 13.11
C GLN C 127 4.94 22.84 11.67
N LEU C 128 4.45 23.62 10.72
CA LEU C 128 4.67 23.31 9.31
C LEU C 128 6.10 23.60 8.86
N THR C 129 6.99 23.95 9.78
CA THR C 129 8.38 24.19 9.39
C THR C 129 9.24 22.94 9.54
N LEU C 130 8.64 21.76 9.53
CA LEU C 130 9.42 20.53 9.55
C LEU C 130 9.68 20.01 8.14
N PHE C 131 8.88 20.46 7.18
CA PHE C 131 9.00 20.06 5.80
C PHE C 131 9.80 21.12 5.03
N PRO C 132 10.38 20.77 3.88
CA PRO C 132 11.15 21.75 3.10
C PRO C 132 10.30 22.97 2.74
N HIS C 133 10.81 24.15 3.09
CA HIS C 133 9.99 25.35 3.07
C HIS C 133 10.82 26.58 2.74
N GLN C 134 10.12 27.69 2.52
CA GLN C 134 10.70 28.99 2.21
C GLN C 134 9.62 30.03 2.44
N PHE C 135 10.04 31.23 2.81
CA PHE C 135 9.12 32.33 3.09
C PHE C 135 9.12 33.30 1.91
N ILE C 136 8.02 34.03 1.75
CA ILE C 136 7.94 35.11 0.77
C ILE C 136 7.53 36.37 1.51
N ASN C 137 8.47 37.29 1.64
CA ASN C 137 8.26 38.53 2.40
C ASN C 137 8.41 39.70 1.43
N PRO C 138 7.34 40.43 1.13
CA PRO C 138 7.43 41.47 0.08
C PRO C 138 8.48 42.51 0.36
N ARG C 139 8.76 42.78 1.63
CA ARG C 139 9.83 43.70 1.99
C ARG C 139 11.17 43.29 1.38
N THR C 140 11.41 41.99 1.23
CA THR C 140 12.72 41.51 0.78
C THR C 140 12.70 40.80 -0.56
N ASN C 141 11.92 39.74 -0.71
CA ASN C 141 11.97 38.90 -1.89
C ASN C 141 10.58 38.66 -2.46
N MET C 142 10.52 37.98 -3.60
CA MET C 142 9.27 37.72 -4.31
C MET C 142 9.18 36.31 -4.88
N THR C 143 10.13 35.43 -4.58
CA THR C 143 10.16 34.12 -5.20
C THR C 143 10.64 33.07 -4.21
N ALA C 144 10.21 31.82 -4.41
CA ALA C 144 10.65 30.70 -3.60
C ALA C 144 11.04 29.54 -4.52
N HIS C 145 12.02 28.76 -4.08
CA HIS C 145 12.57 27.68 -4.89
C HIS C 145 12.83 26.48 -3.99
N ILE C 146 12.36 25.31 -4.43
CA ILE C 146 12.49 24.08 -3.65
C ILE C 146 12.80 22.94 -4.61
N LYS C 147 13.46 21.91 -4.11
CA LYS C 147 13.78 20.71 -4.88
C LYS C 147 13.58 19.47 -4.03
N VAL C 148 12.86 18.48 -4.57
CA VAL C 148 12.51 17.28 -3.83
C VAL C 148 12.75 16.04 -4.68
N PRO C 149 13.18 14.93 -4.08
CA PRO C 149 13.33 13.68 -4.81
C PRO C 149 12.05 12.84 -4.76
N PHE C 150 12.15 11.64 -5.29
CA PHE C 150 11.03 10.69 -5.27
C PHE C 150 11.05 9.93 -3.96
N VAL C 151 9.95 10.01 -3.20
CA VAL C 151 9.79 9.25 -1.96
C VAL C 151 8.54 8.40 -2.06
N GLY C 152 8.58 7.24 -1.43
CA GLY C 152 7.47 6.31 -1.42
C GLY C 152 7.87 4.97 -0.85
N VAL C 153 6.85 4.14 -0.59
CA VAL C 153 7.07 2.80 -0.05
C VAL C 153 7.34 1.83 -1.19
N ASN C 154 7.28 2.32 -2.44
CA ASN C 154 7.53 1.53 -3.62
C ASN C 154 8.51 2.24 -4.52
N ARG C 155 9.22 1.48 -5.35
CA ARG C 155 10.24 2.07 -6.21
C ARG C 155 9.65 2.70 -7.47
N TYR C 156 8.54 2.18 -7.98
CA TYR C 156 7.77 2.80 -9.05
C TYR C 156 6.34 2.93 -8.57
N ASP C 157 5.63 3.94 -9.06
CA ASP C 157 4.29 4.21 -8.56
C ASP C 157 3.28 4.25 -9.69
N GLN C 158 2.01 4.11 -9.31
CA GLN C 158 0.87 4.20 -10.21
C GLN C 158 0.12 5.47 -9.89
N TYR C 159 0.31 6.50 -10.71
CA TYR C 159 -0.17 7.83 -10.38
C TYR C 159 -1.68 7.98 -10.49
N LYS C 160 -2.41 6.93 -10.86
CA LYS C 160 -3.86 7.05 -10.94
C LYS C 160 -4.52 6.71 -9.60
N VAL C 161 -3.74 6.19 -8.66
CA VAL C 161 -4.27 5.78 -7.37
C VAL C 161 -3.46 6.31 -6.20
N HIS C 162 -2.42 7.11 -6.45
CA HIS C 162 -1.57 7.62 -5.38
C HIS C 162 -0.85 8.86 -5.84
N LYS C 163 -0.95 9.93 -5.06
CA LYS C 163 -0.26 11.19 -5.34
C LYS C 163 0.69 11.49 -4.18
N PRO C 164 1.99 11.26 -4.35
CA PRO C 164 2.86 11.21 -3.17
C PRO C 164 3.25 12.57 -2.60
N TRP C 165 3.13 13.65 -3.36
CA TRP C 165 3.53 14.97 -2.90
C TRP C 165 2.32 15.92 -2.82
N THR C 166 2.58 17.13 -2.33
CA THR C 166 1.55 18.15 -2.13
C THR C 166 2.23 19.49 -1.90
N LEU C 167 1.83 20.50 -2.65
CA LEU C 167 2.34 21.84 -2.42
C LEU C 167 1.30 22.68 -1.70
N VAL C 168 1.64 23.15 -0.51
CA VAL C 168 0.72 23.90 0.34
C VAL C 168 1.30 25.26 0.65
N VAL C 169 0.46 26.30 0.55
CA VAL C 169 0.86 27.68 0.77
C VAL C 169 -0.02 28.30 1.85
N MET C 170 0.60 28.76 2.93
CA MET C 170 -0.12 29.24 4.10
C MET C 170 0.22 30.71 4.37
N VAL C 171 -0.66 31.38 5.10
CA VAL C 171 -0.55 32.80 5.42
C VAL C 171 -0.16 32.92 6.89
N VAL C 172 0.99 33.54 7.18
CA VAL C 172 1.37 33.69 8.57
C VAL C 172 1.11 35.10 9.08
N ALA C 173 1.08 36.10 8.20
CA ALA C 173 0.76 37.46 8.60
C ALA C 173 0.01 38.13 7.46
N PRO C 174 -1.11 38.79 7.75
CA PRO C 174 -1.97 39.30 6.68
C PRO C 174 -1.33 40.45 5.90
N LEU C 175 -1.91 40.70 4.73
CA LEU C 175 -1.38 41.72 3.82
C LEU C 175 -1.82 43.10 4.24
N THR C 176 -0.96 44.09 4.02
CA THR C 176 -1.24 45.49 4.34
C THR C 176 -0.81 46.35 3.16
N VAL C 177 -1.60 47.35 2.81
CA VAL C 177 -1.33 48.11 1.58
C VAL C 177 -0.76 49.48 1.87
N ASN C 178 -1.18 50.13 2.96
CA ASN C 178 -0.55 51.34 3.48
C ASN C 178 -0.54 52.49 2.47
N THR C 179 -1.52 52.51 1.56
CA THR C 179 -1.71 53.58 0.57
C THR C 179 -0.53 53.74 -0.38
N GLU C 180 0.46 52.87 -0.32
CA GLU C 180 1.57 52.87 -1.27
C GLU C 180 1.78 51.51 -1.91
N GLY C 181 1.14 50.47 -1.40
CA GLY C 181 1.30 49.14 -1.92
C GLY C 181 0.16 48.74 -2.85
N ALA C 182 0.34 47.59 -3.48
CA ALA C 182 -0.66 47.08 -4.40
C ALA C 182 -1.91 46.65 -3.63
N PRO C 183 -3.10 46.87 -4.19
CA PRO C 183 -4.32 46.53 -3.45
C PRO C 183 -4.47 45.04 -3.18
N GLN C 184 -3.90 44.18 -4.03
CA GLN C 184 -3.92 42.75 -3.79
C GLN C 184 -2.84 42.11 -4.64
N ILE C 185 -2.65 40.81 -4.46
CA ILE C 185 -1.53 40.08 -5.03
C ILE C 185 -2.06 38.74 -5.54
N LYS C 186 -1.61 38.33 -6.72
CA LYS C 186 -1.97 37.03 -7.28
C LYS C 186 -0.77 36.10 -7.29
N VAL C 187 -0.98 34.85 -6.90
CA VAL C 187 0.10 33.88 -6.72
C VAL C 187 0.05 32.88 -7.86
N TYR C 188 1.20 32.64 -8.50
CA TYR C 188 1.34 31.69 -9.58
C TYR C 188 2.44 30.70 -9.26
N ALA C 189 2.48 29.58 -9.97
CA ALA C 189 3.48 28.55 -9.77
C ALA C 189 4.17 28.22 -11.08
N ASN C 190 5.23 27.41 -10.99
CA ASN C 190 6.06 27.07 -12.13
C ASN C 190 6.80 25.78 -11.78
N ILE C 191 6.46 24.68 -12.44
CA ILE C 191 6.85 23.35 -12.01
C ILE C 191 7.48 22.59 -13.17
N ALA C 192 8.50 21.78 -12.88
CA ALA C 192 9.16 20.98 -13.90
C ALA C 192 9.55 19.63 -13.34
N PRO C 193 9.13 18.53 -13.97
CA PRO C 193 9.55 17.20 -13.53
C PRO C 193 11.02 16.96 -13.83
N THR C 194 11.67 16.24 -12.91
CA THR C 194 13.07 15.89 -13.10
C THR C 194 13.25 14.39 -12.93
N ASN C 195 14.10 13.80 -13.76
CA ASN C 195 14.43 12.39 -13.68
C ASN C 195 13.19 11.50 -13.81
N VAL C 196 12.53 11.58 -14.96
CA VAL C 196 11.39 10.70 -15.16
C VAL C 196 11.86 9.34 -15.66
N HIS C 197 11.02 8.33 -15.42
CA HIS C 197 11.26 6.97 -15.85
C HIS C 197 9.92 6.30 -16.02
N VAL C 198 9.84 5.34 -16.94
CA VAL C 198 8.59 4.68 -17.28
C VAL C 198 8.86 3.21 -17.55
N ALA C 199 7.80 2.41 -17.47
CA ALA C 199 7.86 0.98 -17.78
C ALA C 199 6.45 0.47 -17.99
N GLY C 200 6.33 -0.66 -18.67
CA GLY C 200 5.03 -1.29 -18.86
C GLY C 200 4.06 -0.65 -19.84
N GLU C 201 4.33 -0.76 -21.14
CA GLU C 201 3.48 -0.14 -22.14
C GLU C 201 2.05 -0.65 -22.06
N PHE C 202 1.11 0.17 -22.50
CA PHE C 202 -0.30 -0.16 -22.55
C PHE C 202 -0.70 -0.57 -23.97
N PRO C 203 -1.82 -1.26 -24.14
CA PRO C 203 -2.37 -1.45 -25.49
C PRO C 203 -2.85 -0.13 -26.08
N SER C 204 -3.37 -0.14 -27.30
CA SER C 204 -3.76 1.12 -27.92
C SER C 204 -5.01 1.67 -27.24
N LYS C 205 -5.53 2.75 -27.81
CA LYS C 205 -6.66 3.44 -27.19
C LYS C 205 -7.93 2.61 -27.29
N GLU C 206 -8.18 2.00 -28.44
CA GLU C 206 -9.42 1.28 -28.67
C GLU C 206 -9.38 0.44 -29.94
N GLY D 1 28.25 -23.69 48.21
CA GLY D 1 27.34 -23.00 47.32
C GLY D 1 27.41 -23.55 45.91
N ILE D 2 26.29 -23.47 45.20
CA ILE D 2 26.21 -23.94 43.82
C ILE D 2 25.80 -22.77 42.94
N PHE D 3 26.09 -22.89 41.66
CA PHE D 3 25.89 -21.87 40.65
C PHE D 3 24.43 -21.43 40.61
N PRO D 4 24.10 -20.19 40.92
CA PRO D 4 22.69 -19.79 40.98
C PRO D 4 22.15 -19.37 39.62
N VAL D 5 20.92 -19.79 39.35
CA VAL D 5 20.29 -19.59 38.06
C VAL D 5 18.89 -19.03 38.29
N ALA D 6 18.32 -18.41 37.27
CA ALA D 6 17.06 -17.68 37.41
C ALA D 6 16.10 -18.10 36.32
N CYS D 7 15.16 -18.98 36.66
CA CYS D 7 14.17 -19.43 35.70
C CYS D 7 13.26 -18.28 35.29
N SER D 8 13.01 -18.17 33.99
CA SER D 8 12.41 -16.99 33.40
C SER D 8 10.97 -17.26 33.00
N ASP D 9 10.14 -16.21 33.03
CA ASP D 9 8.73 -16.34 32.71
C ASP D 9 8.46 -15.95 31.27
N GLY D 10 7.68 -16.78 30.59
CA GLY D 10 7.40 -16.59 29.19
C GLY D 10 8.32 -17.33 28.25
N TYR D 11 9.28 -18.09 28.77
CA TYR D 11 10.22 -18.83 27.96
C TYR D 11 10.00 -20.32 28.17
N GLY D 12 10.26 -21.10 27.13
CA GLY D 12 10.38 -22.53 27.26
C GLY D 12 9.20 -23.36 26.82
N GLY D 13 8.12 -22.73 26.34
CA GLY D 13 6.98 -23.51 25.88
C GLY D 13 7.31 -24.33 24.66
N LEU D 14 6.32 -25.09 24.19
CA LEU D 14 6.50 -25.87 22.97
C LEU D 14 6.02 -25.08 21.76
N VAL D 15 6.86 -25.04 20.73
CA VAL D 15 6.51 -24.42 19.46
C VAL D 15 6.81 -25.42 18.36
N THR D 16 5.88 -25.57 17.41
CA THR D 16 5.97 -26.67 16.46
C THR D 16 7.00 -26.44 15.37
N THR D 17 7.60 -25.26 15.29
CA THR D 17 8.65 -25.01 14.30
C THR D 17 9.91 -24.41 14.89
N ASP D 18 10.29 -24.80 16.11
CA ASP D 18 11.49 -24.24 16.71
C ASP D 18 12.74 -24.97 16.22
N PRO D 19 13.89 -24.31 16.27
CA PRO D 19 15.14 -24.97 15.87
C PRO D 19 15.85 -25.67 17.00
N LYS D 20 15.29 -26.74 17.56
CA LYS D 20 16.01 -27.47 18.59
C LYS D 20 15.53 -28.91 18.62
N THR D 21 16.33 -29.76 19.26
CA THR D 21 16.25 -31.21 19.10
C THR D 21 15.74 -31.87 20.37
N ALA D 22 15.58 -33.19 20.30
CA ALA D 22 15.07 -33.97 21.42
C ALA D 22 16.18 -34.83 22.02
N ASP D 23 15.81 -35.69 22.95
CA ASP D 23 16.80 -36.48 23.68
C ASP D 23 16.82 -37.91 23.17
N PRO D 24 18.00 -38.52 23.00
CA PRO D 24 18.06 -39.85 22.42
C PRO D 24 17.67 -40.95 23.40
N VAL D 25 17.13 -42.04 22.85
CA VAL D 25 16.67 -43.16 23.67
C VAL D 25 17.40 -44.45 23.30
N TYR D 26 17.63 -44.68 22.01
CA TYR D 26 18.15 -45.95 21.49
C TYR D 26 19.42 -45.64 20.71
N GLY D 27 20.52 -46.28 21.07
CA GLY D 27 21.81 -45.93 20.53
C GLY D 27 22.49 -47.02 19.74
N LYS D 28 23.50 -46.61 18.97
CA LYS D 28 24.35 -47.50 18.18
C LYS D 28 23.52 -48.31 17.17
N VAL D 29 22.92 -47.59 16.23
CA VAL D 29 22.18 -48.20 15.13
C VAL D 29 22.84 -47.80 13.82
N PHE D 30 23.06 -48.78 12.95
CA PHE D 30 23.72 -48.58 11.67
C PHE D 30 22.74 -48.85 10.55
N ASN D 31 22.84 -48.10 9.48
CA ASN D 31 21.89 -48.20 8.39
C ASN D 31 22.45 -49.03 7.25
N PRO D 32 21.58 -49.66 6.45
CA PRO D 32 22.03 -50.28 5.21
C PRO D 32 22.51 -49.21 4.23
N PRO D 33 23.46 -49.53 3.36
CA PRO D 33 24.02 -48.52 2.45
C PRO D 33 23.02 -48.13 1.37
N ARG D 34 22.86 -46.82 1.17
CA ARG D 34 21.95 -46.30 0.17
C ARG D 34 22.60 -45.29 -0.77
N ASN D 35 23.93 -45.26 -0.87
CA ASN D 35 24.58 -44.21 -1.63
C ASN D 35 24.39 -44.41 -3.12
N MET D 36 24.39 -43.30 -3.86
CA MET D 36 24.13 -43.18 -5.29
C MET D 36 22.98 -44.02 -5.82
N LEU D 37 21.78 -43.78 -5.32
CA LEU D 37 20.58 -44.32 -5.94
C LEU D 37 20.10 -43.38 -7.03
N PRO D 38 19.54 -43.92 -8.12
CA PRO D 38 19.15 -43.07 -9.25
C PRO D 38 17.94 -42.20 -8.96
N GLY D 39 18.03 -40.94 -9.38
CA GLY D 39 16.88 -40.06 -9.43
C GLY D 39 16.64 -39.22 -8.19
N ARG D 40 17.64 -38.49 -7.72
CA ARG D 40 17.48 -37.69 -6.52
C ARG D 40 17.13 -36.26 -6.86
N PHE D 41 16.44 -35.59 -5.94
CA PHE D 41 16.18 -34.16 -6.04
C PHE D 41 16.22 -33.53 -4.67
N THR D 42 16.80 -32.33 -4.57
CA THR D 42 17.00 -31.68 -3.29
C THR D 42 16.11 -30.45 -3.13
N ASN D 43 15.99 -29.65 -4.18
CA ASN D 43 15.14 -28.46 -4.17
C ASN D 43 13.90 -28.75 -5.00
N LEU D 44 12.72 -28.46 -4.44
CA LEU D 44 11.49 -28.71 -5.16
C LEU D 44 11.28 -27.75 -6.32
N LEU D 45 12.14 -26.76 -6.49
CA LEU D 45 12.08 -25.84 -7.63
C LEU D 45 13.04 -26.20 -8.75
N ASP D 46 13.53 -27.43 -8.79
CA ASP D 46 14.35 -27.87 -9.91
C ASP D 46 13.59 -28.84 -10.80
N VAL D 47 12.67 -29.61 -10.22
CA VAL D 47 11.77 -30.41 -11.04
C VAL D 47 10.69 -29.53 -11.66
N ALA D 48 10.49 -28.32 -11.11
CA ALA D 48 9.60 -27.37 -11.76
C ALA D 48 10.24 -26.68 -12.94
N GLU D 49 11.57 -26.70 -13.03
CA GLU D 49 12.25 -26.10 -14.16
C GLU D 49 12.66 -27.14 -15.20
N ALA D 50 12.89 -28.38 -14.77
CA ALA D 50 13.27 -29.43 -15.69
C ALA D 50 12.09 -30.12 -16.34
N CYS D 51 10.87 -29.94 -15.83
CA CYS D 51 9.72 -30.71 -16.28
C CYS D 51 8.47 -29.83 -16.30
N PRO D 52 8.05 -29.38 -17.47
CA PRO D 52 6.80 -28.61 -17.57
C PRO D 52 5.58 -29.51 -17.66
N THR D 53 4.40 -28.91 -17.50
CA THR D 53 3.15 -29.65 -17.45
C THR D 53 2.07 -28.90 -18.22
N PHE D 54 0.98 -29.59 -18.52
CA PHE D 54 -0.01 -29.11 -19.48
C PHE D 54 -0.95 -28.08 -18.86
N LEU D 55 -1.49 -27.22 -19.71
CA LEU D 55 -2.47 -26.22 -19.31
C LEU D 55 -3.88 -26.82 -19.45
N HIS D 56 -4.91 -26.04 -19.15
CA HIS D 56 -6.28 -26.56 -19.19
C HIS D 56 -7.18 -25.55 -19.88
N PHE D 57 -7.76 -25.96 -21.00
CA PHE D 57 -8.63 -25.10 -21.78
C PHE D 57 -10.02 -25.68 -21.80
N ASP D 58 -10.98 -24.84 -22.22
CA ASP D 58 -12.39 -25.18 -22.08
C ASP D 58 -12.74 -26.40 -22.90
N GLY D 59 -13.24 -27.44 -22.23
CA GLY D 59 -13.51 -28.72 -22.86
C GLY D 59 -12.70 -29.86 -22.29
N ASP D 60 -11.86 -29.59 -21.29
CA ASP D 60 -10.99 -30.60 -20.68
C ASP D 60 -9.97 -31.14 -21.69
N VAL D 61 -9.30 -30.21 -22.36
CA VAL D 61 -8.28 -30.56 -23.34
C VAL D 61 -7.12 -29.58 -23.19
N PRO D 62 -5.88 -30.02 -23.30
CA PRO D 62 -4.74 -29.11 -23.16
C PRO D 62 -4.27 -28.48 -24.47
N TYR D 63 -5.21 -27.98 -25.27
CA TYR D 63 -4.84 -27.42 -26.56
C TYR D 63 -5.97 -26.53 -27.07
N VAL D 64 -5.69 -25.83 -28.17
CA VAL D 64 -6.63 -24.89 -28.76
C VAL D 64 -6.56 -25.01 -30.27
N THR D 65 -7.71 -25.26 -30.90
CA THR D 65 -7.80 -25.49 -32.33
C THR D 65 -7.96 -24.18 -33.08
N THR D 66 -7.51 -24.16 -34.33
CA THR D 66 -7.58 -22.97 -35.16
C THR D 66 -9.01 -22.72 -35.58
N LYS D 67 -9.45 -21.48 -35.51
CA LYS D 67 -10.80 -21.09 -35.88
C LYS D 67 -10.80 -20.50 -37.28
N THR D 68 -11.89 -20.76 -38.01
CA THR D 68 -12.09 -20.20 -39.35
C THR D 68 -13.26 -19.24 -39.27
N ASP D 69 -12.98 -18.00 -38.85
CA ASP D 69 -14.00 -16.97 -38.71
C ASP D 69 -13.35 -15.63 -38.44
N SER D 70 -14.16 -14.60 -38.18
CA SER D 70 -13.67 -13.24 -38.08
C SER D 70 -13.19 -12.88 -36.67
N ASP D 71 -13.32 -13.80 -35.72
CA ASP D 71 -12.81 -13.61 -34.37
C ASP D 71 -11.49 -14.34 -34.27
N ARG D 72 -10.47 -13.67 -33.73
CA ARG D 72 -9.11 -14.18 -33.77
C ARG D 72 -8.50 -14.45 -32.41
N VAL D 73 -9.28 -14.42 -31.34
CA VAL D 73 -8.74 -14.66 -30.00
C VAL D 73 -8.83 -16.14 -29.70
N LEU D 74 -7.71 -16.74 -29.30
CA LEU D 74 -7.65 -18.16 -29.00
C LEU D 74 -7.85 -18.43 -27.52
N ALA D 75 -7.17 -17.69 -26.65
CA ALA D 75 -7.34 -17.84 -25.22
C ALA D 75 -6.84 -16.59 -24.53
N GLN D 76 -7.51 -16.22 -23.44
CA GLN D 76 -7.15 -15.05 -22.67
C GLN D 76 -7.47 -15.31 -21.20
N PHE D 77 -6.52 -14.99 -20.34
CA PHE D 77 -6.70 -15.27 -18.92
C PHE D 77 -5.83 -14.34 -18.09
N ASP D 78 -6.21 -14.19 -16.83
CA ASP D 78 -5.44 -13.36 -15.91
C ASP D 78 -4.08 -13.98 -15.64
N LEU D 79 -3.15 -13.17 -15.17
CA LEU D 79 -1.82 -13.64 -14.81
C LEU D 79 -1.81 -13.87 -13.30
N SER D 80 -2.02 -15.12 -12.90
CA SER D 80 -2.00 -15.49 -11.50
C SER D 80 -1.85 -16.99 -11.40
N LEU D 81 -1.15 -17.43 -10.38
CA LEU D 81 -0.95 -18.86 -10.14
C LEU D 81 -2.22 -19.54 -9.64
N ALA D 82 -3.24 -18.77 -9.28
CA ALA D 82 -4.52 -19.30 -8.86
C ALA D 82 -5.55 -19.29 -9.98
N ALA D 83 -5.16 -18.91 -11.20
CA ALA D 83 -6.10 -18.88 -12.31
C ALA D 83 -6.63 -20.28 -12.60
N LYS D 84 -7.74 -20.32 -13.34
CA LYS D 84 -8.35 -21.62 -13.65
C LYS D 84 -7.53 -22.39 -14.69
N HIS D 85 -6.99 -21.69 -15.67
CA HIS D 85 -6.20 -22.34 -16.72
C HIS D 85 -4.92 -22.96 -16.19
N MET D 86 -4.51 -22.62 -14.97
CA MET D 86 -3.29 -23.17 -14.39
C MET D 86 -3.56 -24.14 -13.26
N SER D 87 -4.78 -24.62 -13.12
CA SER D 87 -5.16 -25.38 -11.94
C SER D 87 -4.64 -26.81 -11.95
N ASN D 88 -4.03 -27.27 -13.03
CA ASN D 88 -3.57 -28.65 -13.12
C ASN D 88 -2.06 -28.77 -13.28
N THR D 89 -1.33 -27.68 -13.31
CA THR D 89 0.10 -27.74 -13.49
C THR D 89 0.80 -28.04 -12.18
N PHE D 90 2.10 -28.34 -12.27
CA PHE D 90 2.91 -28.58 -11.08
C PHE D 90 3.26 -27.27 -10.40
N LEU D 91 3.20 -26.17 -11.13
CA LEU D 91 3.56 -24.87 -10.58
C LEU D 91 2.52 -24.39 -9.58
N ALA D 92 1.24 -24.44 -9.96
CA ALA D 92 0.18 -24.04 -9.04
C ALA D 92 0.07 -24.98 -7.85
N GLY D 93 0.19 -26.29 -8.10
CA GLY D 93 0.13 -27.25 -7.01
C GLY D 93 1.17 -26.99 -5.95
N LEU D 94 2.37 -26.59 -6.37
CA LEU D 94 3.43 -26.30 -5.40
C LEU D 94 3.23 -24.92 -4.78
N ALA D 95 2.76 -23.96 -5.56
CA ALA D 95 2.64 -22.60 -5.07
C ALA D 95 1.50 -22.44 -4.08
N GLN D 96 0.58 -23.40 -4.02
CA GLN D 96 -0.50 -23.28 -3.05
C GLN D 96 -0.04 -23.44 -1.61
N TYR D 97 1.25 -23.70 -1.37
CA TYR D 97 1.75 -23.87 -0.02
C TYR D 97 2.63 -22.71 0.42
N TYR D 98 2.66 -21.63 -0.35
CA TYR D 98 3.46 -20.45 -0.06
C TYR D 98 2.56 -19.23 -0.22
N THR D 99 3.01 -18.07 0.24
CA THR D 99 2.14 -16.89 0.18
C THR D 99 2.61 -15.88 -0.86
N GLN D 100 3.91 -15.84 -1.16
CA GLN D 100 4.44 -14.83 -2.07
C GLN D 100 5.39 -15.46 -3.07
N TYR D 101 5.61 -14.76 -4.18
CA TYR D 101 6.47 -15.23 -5.26
C TYR D 101 7.07 -14.03 -6.00
N SER D 102 7.93 -14.34 -6.96
CA SER D 102 8.52 -13.33 -7.83
C SER D 102 9.31 -14.04 -8.92
N GLY D 103 9.36 -13.45 -10.10
CA GLY D 103 10.20 -13.92 -11.17
C GLY D 103 9.43 -14.24 -12.43
N THR D 104 10.07 -15.05 -13.27
CA THR D 104 9.60 -15.32 -14.63
C THR D 104 8.80 -16.61 -14.67
N VAL D 105 7.91 -16.70 -15.65
CA VAL D 105 7.14 -17.90 -15.94
C VAL D 105 7.22 -18.16 -17.43
N ASN D 106 7.55 -19.39 -17.80
CA ASN D 106 7.75 -19.77 -19.19
C ASN D 106 6.54 -20.51 -19.73
N LEU D 107 6.31 -20.35 -21.02
CA LEU D 107 5.23 -21.01 -21.75
C LEU D 107 5.79 -21.62 -23.03
N HIS D 108 5.34 -22.85 -23.34
CA HIS D 108 5.85 -23.60 -24.49
C HIS D 108 4.68 -23.93 -25.41
N PHE D 109 4.85 -23.68 -26.70
CA PHE D 109 3.81 -23.95 -27.69
C PHE D 109 4.32 -24.92 -28.74
N MET D 110 3.52 -25.94 -29.05
CA MET D 110 3.89 -26.98 -29.99
C MET D 110 2.77 -27.17 -31.01
N PHE D 111 3.12 -27.30 -32.29
CA PHE D 111 2.14 -27.40 -33.37
C PHE D 111 2.06 -28.85 -33.84
N THR D 112 0.86 -29.28 -34.23
CA THR D 112 0.62 -30.70 -34.43
C THR D 112 0.18 -31.07 -35.85
N GLY D 113 -0.58 -30.22 -36.54
CA GLY D 113 -1.21 -30.57 -37.78
C GLY D 113 -0.27 -31.06 -38.87
N PRO D 114 -0.84 -31.49 -39.99
CA PRO D 114 -0.05 -32.16 -41.02
C PRO D 114 1.01 -31.27 -41.66
N THR D 115 1.74 -31.85 -42.60
CA THR D 115 2.85 -31.14 -43.21
C THR D 115 2.39 -30.03 -44.15
N ASP D 116 1.14 -30.09 -44.60
CA ASP D 116 0.64 -29.08 -45.53
C ASP D 116 -0.33 -28.11 -44.89
N ALA D 117 -0.28 -27.95 -43.57
CA ALA D 117 -1.03 -26.92 -42.88
C ALA D 117 -0.05 -25.95 -42.22
N LYS D 118 -0.25 -24.67 -42.46
CA LYS D 118 0.63 -23.64 -41.92
C LYS D 118 -0.19 -22.63 -41.14
N ALA D 119 0.46 -21.92 -40.23
CA ALA D 119 -0.24 -21.00 -39.35
C ALA D 119 0.73 -19.92 -38.89
N ARG D 120 0.20 -18.96 -38.15
CA ARG D 120 0.98 -17.86 -37.61
C ARG D 120 0.28 -17.31 -36.37
N TYR D 121 1.00 -17.15 -35.27
CA TYR D 121 0.44 -16.81 -33.99
C TYR D 121 1.13 -15.58 -33.40
N MET D 122 0.61 -15.10 -32.27
CA MET D 122 1.18 -13.93 -31.59
C MET D 122 0.74 -13.95 -30.14
N ILE D 123 1.60 -13.51 -29.22
CA ILE D 123 1.30 -13.50 -27.80
C ILE D 123 1.74 -12.19 -27.16
N ALA D 124 0.87 -11.62 -26.32
CA ALA D 124 1.12 -10.31 -25.74
C ALA D 124 0.83 -10.36 -24.24
N ILE D 125 1.31 -9.34 -23.53
CA ILE D 125 1.00 -9.15 -22.12
C ILE D 125 0.50 -7.73 -21.91
N ALA D 126 -0.60 -7.59 -21.18
CA ALA D 126 -1.21 -6.30 -20.91
C ALA D 126 -1.09 -6.01 -19.41
N PRO D 127 -0.38 -4.97 -19.00
CA PRO D 127 -0.23 -4.67 -17.59
C PRO D 127 -1.52 -4.10 -17.02
N PRO D 128 -1.67 -4.09 -15.70
CA PRO D 128 -2.95 -3.70 -15.10
C PRO D 128 -3.18 -2.20 -15.17
N GLY D 129 -4.47 -1.85 -15.27
CA GLY D 129 -4.88 -0.46 -15.29
C GLY D 129 -5.72 -0.08 -16.49
N MET D 130 -5.90 -0.99 -17.44
CA MET D 130 -6.67 -0.74 -18.64
C MET D 130 -7.12 -2.08 -19.20
N GLU D 131 -8.36 -2.13 -19.67
CA GLU D 131 -8.95 -3.37 -20.17
C GLU D 131 -8.07 -4.00 -21.25
N PRO D 132 -8.05 -5.31 -21.37
CA PRO D 132 -7.09 -5.96 -22.26
C PRO D 132 -7.54 -5.86 -23.70
N PRO D 133 -6.63 -6.08 -24.66
CA PRO D 133 -7.00 -5.91 -26.07
C PRO D 133 -7.78 -7.11 -26.60
N LYS D 134 -8.62 -6.85 -27.62
CA LYS D 134 -9.39 -7.90 -28.26
C LYS D 134 -8.89 -8.24 -29.66
N THR D 135 -8.11 -7.36 -30.29
CA THR D 135 -7.69 -7.53 -31.67
C THR D 135 -6.17 -7.45 -31.75
N PRO D 136 -5.56 -8.19 -32.67
CA PRO D 136 -4.09 -8.17 -32.76
C PRO D 136 -3.53 -6.79 -33.08
N GLU D 137 -4.24 -6.00 -33.89
CA GLU D 137 -3.80 -4.64 -34.15
C GLU D 137 -3.61 -3.87 -32.86
N ALA D 138 -4.59 -3.93 -31.97
CA ALA D 138 -4.53 -3.21 -30.71
C ALA D 138 -3.49 -3.76 -29.76
N ALA D 139 -3.30 -5.07 -29.74
CA ALA D 139 -2.29 -5.71 -28.90
C ALA D 139 -0.89 -5.55 -29.44
N ALA D 140 -0.74 -5.03 -30.66
CA ALA D 140 0.59 -4.81 -31.21
C ALA D 140 1.35 -3.72 -30.47
N HIS D 141 0.69 -3.02 -29.54
CA HIS D 141 1.36 -1.95 -28.81
C HIS D 141 1.83 -2.36 -27.42
N CYS D 142 1.69 -3.64 -27.06
CA CYS D 142 2.21 -4.15 -25.80
C CYS D 142 3.55 -4.82 -26.04
N ILE D 143 4.04 -5.55 -25.04
CA ILE D 143 5.18 -6.44 -25.21
C ILE D 143 4.69 -7.73 -25.86
N HIS D 144 5.22 -8.05 -27.04
CA HIS D 144 4.68 -9.18 -27.78
C HIS D 144 5.77 -9.88 -28.56
N ALA D 145 5.47 -11.10 -28.97
CA ALA D 145 6.31 -11.89 -29.86
C ALA D 145 5.41 -12.55 -30.88
N GLU D 146 6.00 -13.00 -31.98
CA GLU D 146 5.22 -13.52 -33.10
C GLU D 146 6.04 -14.56 -33.84
N TRP D 147 5.47 -15.75 -34.04
CA TRP D 147 6.18 -16.84 -34.70
C TRP D 147 5.30 -17.55 -35.70
N ASP D 148 5.80 -18.62 -36.32
CA ASP D 148 5.04 -19.39 -37.30
C ASP D 148 5.60 -20.80 -37.39
N THR D 149 4.84 -21.69 -38.02
CA THR D 149 5.21 -23.09 -38.09
C THR D 149 6.29 -23.34 -39.14
N GLY D 150 7.05 -24.41 -38.93
CA GLY D 150 8.16 -24.72 -39.82
C GLY D 150 8.73 -26.10 -39.54
N LEU D 151 10.06 -26.17 -39.56
CA LEU D 151 10.73 -27.42 -39.22
C LEU D 151 10.86 -27.57 -37.71
N ASN D 152 11.13 -26.47 -37.02
CA ASN D 152 11.12 -26.45 -35.56
C ASN D 152 9.72 -26.09 -35.07
N SER D 153 9.05 -27.03 -34.43
CA SER D 153 7.63 -26.92 -34.14
C SER D 153 7.34 -26.40 -32.73
N LYS D 154 8.29 -25.77 -32.06
CA LYS D 154 8.11 -25.35 -30.68
C LYS D 154 8.57 -23.91 -30.53
N PHE D 155 7.96 -23.19 -29.59
CA PHE D 155 8.32 -21.81 -29.28
C PHE D 155 8.26 -21.63 -27.77
N THR D 156 8.99 -20.64 -27.27
CA THR D 156 9.07 -20.40 -25.83
C THR D 156 9.12 -18.90 -25.57
N PHE D 157 8.29 -18.43 -24.64
CA PHE D 157 8.11 -17.02 -24.36
C PHE D 157 8.08 -16.81 -22.86
N SER D 158 8.75 -15.77 -22.39
CA SER D 158 8.90 -15.51 -20.96
C SER D 158 8.06 -14.31 -20.55
N ILE D 159 7.05 -14.53 -19.73
CA ILE D 159 6.20 -13.48 -19.19
C ILE D 159 7.00 -12.64 -18.20
N PRO D 160 7.31 -11.38 -18.49
CA PRO D 160 8.17 -10.62 -17.58
C PRO D 160 7.48 -10.36 -16.24
N TYR D 161 8.29 -10.26 -15.20
CA TYR D 161 7.79 -9.87 -13.89
C TYR D 161 7.88 -8.35 -13.78
N LEU D 162 6.74 -7.70 -13.69
CA LEU D 162 6.65 -6.26 -13.74
C LEU D 162 5.62 -5.85 -12.69
N SER D 163 6.02 -5.01 -11.74
CA SER D 163 5.12 -4.60 -10.68
C SER D 163 5.78 -3.47 -9.90
N ALA D 164 5.02 -2.93 -8.95
CA ALA D 164 5.54 -1.88 -8.08
C ALA D 164 6.29 -2.48 -6.89
N ALA D 165 5.65 -3.38 -6.17
CA ALA D 165 6.27 -4.06 -5.05
C ALA D 165 7.34 -5.02 -5.54
N ASP D 166 8.12 -5.55 -4.61
CA ASP D 166 9.15 -6.52 -4.92
C ASP D 166 8.65 -7.96 -4.94
N TYR D 167 7.52 -8.25 -4.30
CA TYR D 167 6.94 -9.57 -4.28
C TYR D 167 5.44 -9.45 -4.53
N ALA D 168 4.83 -10.55 -4.96
CA ALA D 168 3.42 -10.55 -5.30
C ALA D 168 2.79 -11.81 -4.72
N TYR D 169 1.48 -11.74 -4.51
CA TYR D 169 0.77 -12.80 -3.80
C TYR D 169 0.41 -13.94 -4.73
N THR D 170 0.37 -15.15 -4.19
CA THR D 170 -0.11 -16.32 -4.93
C THR D 170 -1.56 -16.66 -4.62
N ALA D 171 -2.14 -16.02 -3.63
CA ALA D 171 -3.43 -16.38 -3.07
C ALA D 171 -4.55 -15.58 -3.76
N SER D 172 -5.72 -15.53 -3.13
CA SER D 172 -6.89 -14.78 -3.57
C SER D 172 -7.48 -15.29 -4.88
N ASP D 173 -8.03 -16.51 -4.84
CA ASP D 173 -9.03 -16.90 -5.83
C ASP D 173 -10.08 -15.81 -5.95
N ALA D 174 -10.12 -15.18 -7.11
CA ALA D 174 -10.87 -13.93 -7.24
C ALA D 174 -12.38 -14.18 -7.36
N ALA D 175 -12.80 -14.86 -8.43
CA ALA D 175 -14.22 -14.98 -8.76
C ALA D 175 -14.91 -13.63 -8.63
N GLU D 176 -14.21 -12.57 -8.98
CA GLU D 176 -14.66 -11.21 -8.73
C GLU D 176 -13.94 -10.27 -9.69
N THR D 177 -14.00 -8.98 -9.36
CA THR D 177 -13.40 -7.93 -10.16
C THR D 177 -11.95 -7.69 -9.73
N THR D 178 -11.40 -6.55 -10.14
CA THR D 178 -10.13 -6.02 -9.64
C THR D 178 -8.95 -6.94 -9.92
N ASN D 179 -8.60 -7.09 -11.19
CA ASN D 179 -7.34 -7.74 -11.54
C ASN D 179 -6.16 -6.93 -10.99
N VAL D 180 -5.08 -7.63 -10.64
CA VAL D 180 -3.95 -6.99 -9.98
C VAL D 180 -2.68 -7.09 -10.82
N GLN D 181 -2.45 -8.24 -11.45
CA GLN D 181 -1.18 -8.47 -12.12
C GLN D 181 -1.26 -8.47 -13.65
N GLY D 182 -2.44 -8.31 -14.23
CA GLY D 182 -2.55 -8.21 -15.67
C GLY D 182 -3.12 -9.44 -16.34
N TRP D 183 -3.13 -9.40 -17.66
CA TRP D 183 -3.62 -10.50 -18.50
C TRP D 183 -2.55 -10.91 -19.49
N VAL D 184 -2.74 -12.09 -20.09
CA VAL D 184 -1.97 -12.52 -21.25
C VAL D 184 -2.96 -12.99 -22.31
N CYS D 185 -2.63 -12.70 -23.57
CA CYS D 185 -3.56 -12.93 -24.67
C CYS D 185 -2.87 -13.66 -25.81
N LEU D 186 -3.45 -14.77 -26.25
CA LEU D 186 -2.96 -15.52 -27.40
C LEU D 186 -3.87 -15.29 -28.60
N PHE D 187 -3.27 -14.94 -29.73
CA PHE D 187 -4.01 -14.57 -30.93
C PHE D 187 -3.63 -15.49 -32.08
N GLN D 188 -4.48 -15.51 -33.10
CA GLN D 188 -4.17 -16.19 -34.35
C GLN D 188 -4.15 -15.17 -35.48
N ILE D 189 -2.96 -14.91 -36.04
CA ILE D 189 -2.85 -13.89 -37.07
C ILE D 189 -3.51 -14.35 -38.36
N THR D 190 -3.00 -15.43 -38.93
CA THR D 190 -3.55 -16.01 -40.15
C THR D 190 -3.17 -17.47 -40.20
N HIS D 191 -3.68 -18.18 -41.21
CA HIS D 191 -3.45 -19.61 -41.33
C HIS D 191 -3.80 -20.05 -42.75
N GLY D 192 -3.14 -21.11 -43.21
CA GLY D 192 -3.41 -21.67 -44.52
C GLY D 192 -3.80 -23.14 -44.45
N LYS D 193 -5.08 -23.40 -44.71
CA LYS D 193 -5.61 -24.76 -44.76
C LYS D 193 -5.36 -25.56 -43.49
N ALA D 194 -5.49 -24.95 -42.33
CA ALA D 194 -5.24 -25.62 -41.06
C ALA D 194 -6.47 -25.72 -40.18
N GLU D 195 -7.62 -26.11 -40.74
CA GLU D 195 -8.84 -26.15 -39.95
C GLU D 195 -8.91 -27.42 -39.12
N GLY D 196 -9.07 -27.26 -37.81
CA GLY D 196 -9.16 -28.37 -36.89
C GLY D 196 -7.88 -28.81 -36.25
N ASP D 197 -6.75 -28.22 -36.61
CA ASP D 197 -5.47 -28.64 -36.05
C ASP D 197 -5.21 -27.94 -34.73
N ALA D 198 -4.52 -28.64 -33.83
CA ALA D 198 -4.38 -28.22 -32.45
C ALA D 198 -2.98 -27.67 -32.18
N LEU D 199 -2.90 -26.86 -31.12
CA LEU D 199 -1.65 -26.29 -30.63
C LEU D 199 -1.61 -26.52 -29.12
N VAL D 200 -0.79 -27.48 -28.68
CA VAL D 200 -0.70 -27.75 -27.25
C VAL D 200 0.23 -26.75 -26.59
N VAL D 201 0.03 -26.53 -25.30
CA VAL D 201 0.75 -25.50 -24.57
C VAL D 201 1.03 -25.97 -23.16
N LEU D 202 2.26 -25.73 -22.68
CA LEU D 202 2.75 -26.17 -21.39
C LEU D 202 3.24 -24.96 -20.60
N ALA D 203 3.53 -25.17 -19.33
CA ALA D 203 4.02 -24.10 -18.46
C ALA D 203 5.09 -24.62 -17.52
N SER D 204 6.03 -23.74 -17.17
CA SER D 204 7.13 -24.12 -16.30
C SER D 204 7.75 -22.85 -15.70
N ALA D 205 8.62 -23.05 -14.72
CA ALA D 205 9.24 -21.92 -14.05
C ALA D 205 10.37 -21.34 -14.89
N GLY D 206 10.89 -20.20 -14.46
CA GLY D 206 11.91 -19.48 -15.18
C GLY D 206 13.26 -19.58 -14.52
N LYS D 207 14.18 -18.75 -15.00
CA LYS D 207 15.53 -18.71 -14.47
C LYS D 207 15.55 -18.17 -13.04
N ASP D 208 14.82 -17.09 -12.79
CA ASP D 208 14.87 -16.40 -11.51
C ASP D 208 13.54 -16.45 -10.75
N PHE D 209 12.72 -17.47 -10.96
CA PHE D 209 11.53 -17.64 -10.15
C PHE D 209 11.92 -17.95 -8.72
N GLU D 210 11.14 -17.44 -7.77
CA GLU D 210 11.41 -17.64 -6.35
C GLU D 210 10.09 -17.68 -5.58
N LEU D 211 10.13 -18.37 -4.45
CA LEU D 211 8.93 -18.70 -3.68
C LEU D 211 9.28 -18.64 -2.20
N ARG D 212 8.45 -17.97 -1.41
CA ARG D 212 8.82 -17.71 -0.01
C ARG D 212 7.59 -17.78 0.89
N LEU D 213 7.85 -17.85 2.21
CA LEU D 213 6.86 -17.84 3.29
C LEU D 213 5.89 -19.02 3.29
N PRO D 214 6.32 -20.22 3.69
CA PRO D 214 5.40 -21.37 3.66
C PRO D 214 4.23 -21.22 4.61
N VAL D 215 3.11 -21.84 4.23
CA VAL D 215 1.86 -21.77 4.97
C VAL D 215 1.09 -23.06 4.72
N ASP D 216 0.03 -23.28 5.49
CA ASP D 216 -0.74 -24.51 5.43
C ASP D 216 -2.23 -24.19 5.50
N ALA D 217 -2.88 -24.16 4.33
CA ALA D 217 -4.31 -23.87 4.24
C ALA D 217 -5.15 -25.12 3.99
N ARG D 218 -4.55 -26.30 4.10
CA ARG D 218 -5.21 -27.59 3.86
C ARG D 218 -5.87 -27.65 2.50
N GLN D 219 -5.08 -27.61 1.45
CA GLN D 219 -5.58 -27.86 0.11
C GLN D 219 -5.03 -29.19 -0.43
N SER E 5 22.18 -2.09 18.50
CA SER E 5 22.51 -1.11 19.53
C SER E 5 21.25 -0.48 20.11
N GLY E 6 20.19 -1.27 20.23
CA GLY E 6 18.95 -0.78 20.78
C GLY E 6 19.00 -0.78 22.30
N ASN E 7 17.97 -1.32 22.92
CA ASN E 7 17.90 -1.46 24.38
C ASN E 7 18.23 -2.91 24.74
N THR E 8 19.50 -3.28 24.63
CA THR E 8 19.93 -4.64 24.93
C THR E 8 21.29 -4.58 25.61
N GLY E 9 21.44 -5.32 26.70
CA GLY E 9 22.62 -5.15 27.53
C GLY E 9 23.30 -6.41 28.04
N SER E 10 23.04 -7.56 27.43
CA SER E 10 23.74 -8.78 27.82
C SER E 10 25.15 -8.78 27.25
N ILE E 11 26.06 -9.51 27.90
CA ILE E 11 27.44 -9.58 27.46
C ILE E 11 27.83 -10.95 26.90
N ILE E 12 26.94 -11.92 26.99
CA ILE E 12 27.21 -13.26 26.46
C ILE E 12 26.54 -13.38 25.11
N ASN E 13 27.21 -14.06 24.19
CA ASN E 13 26.73 -14.17 22.82
C ASN E 13 25.33 -14.77 22.78
N ASN E 14 24.57 -14.43 21.74
CA ASN E 14 23.24 -15.00 21.58
C ASN E 14 23.33 -16.50 21.34
N TYR E 15 22.29 -17.23 21.75
CA TYR E 15 22.31 -18.67 21.61
C TYR E 15 22.03 -19.11 20.17
N TYR E 16 21.07 -18.46 19.53
CA TYR E 16 20.68 -18.84 18.18
C TYR E 16 21.48 -18.07 17.14
N MET E 17 21.66 -18.70 15.97
CA MET E 17 22.33 -18.03 14.87
C MET E 17 21.60 -16.75 14.52
N GLN E 18 22.33 -15.81 13.89
CA GLN E 18 21.73 -14.55 13.51
C GLN E 18 20.68 -14.73 12.44
N GLN E 19 20.69 -15.89 11.78
CA GLN E 19 19.76 -16.14 10.69
C GLN E 19 18.34 -16.41 11.19
N TYR E 20 18.20 -16.91 12.42
CA TYR E 20 16.91 -17.29 12.96
C TYR E 20 16.34 -16.20 13.86
N GLN E 21 17.20 -15.43 14.51
CA GLN E 21 16.70 -14.42 15.45
C GLN E 21 16.06 -13.25 14.72
N ASN E 22 16.70 -12.74 13.67
CA ASN E 22 16.19 -11.58 12.96
C ASN E 22 16.05 -11.91 11.48
N SER E 23 15.55 -10.93 10.72
CA SER E 23 15.58 -11.04 9.29
C SER E 23 16.84 -10.37 8.73
N MET E 24 17.29 -10.84 7.58
CA MET E 24 18.56 -10.43 7.01
C MET E 24 18.32 -9.35 5.97
N ASP E 25 19.12 -8.30 6.03
CA ASP E 25 19.03 -7.21 5.06
C ASP E 25 19.83 -7.55 3.80
N THR E 26 19.41 -6.98 2.68
CA THR E 26 20.16 -7.10 1.44
C THR E 26 20.50 -5.69 0.95
N GLN E 27 21.34 -5.62 -0.07
CA GLN E 27 21.83 -4.36 -0.59
C GLN E 27 21.65 -4.32 -2.10
N LEU E 28 21.59 -3.12 -2.65
CA LEU E 28 21.42 -2.89 -4.07
C LEU E 28 22.53 -1.97 -4.56
N GLY E 29 23.18 -2.36 -5.64
CA GLY E 29 24.25 -1.55 -6.20
C GLY E 29 24.63 -1.95 -7.61
N ASN E 55 15.43 10.15 7.82
CA ASN E 55 16.46 10.42 8.81
C ASN E 55 17.84 10.16 8.23
N ASP E 56 18.85 10.62 8.98
CA ASP E 56 20.32 10.58 8.73
C ASP E 56 20.80 11.75 7.85
N TRP E 57 19.85 12.56 7.42
CA TRP E 57 20.12 13.73 6.60
C TRP E 57 20.00 14.90 7.55
N PHE E 58 19.31 14.66 8.66
CA PHE E 58 19.10 15.67 9.68
C PHE E 58 20.32 15.82 10.56
N SER E 59 21.08 14.74 10.75
CA SER E 59 22.34 14.87 11.46
C SER E 59 23.41 15.54 10.63
N LYS E 60 23.33 15.49 9.29
CA LYS E 60 24.21 16.33 8.49
C LYS E 60 23.73 17.77 8.46
N LEU E 61 22.41 17.99 8.44
CA LEU E 61 21.85 19.32 8.34
C LEU E 61 22.02 20.13 9.63
N ALA E 62 21.93 19.49 10.78
CA ALA E 62 22.07 20.23 12.04
C ALA E 62 23.52 20.59 12.31
N SER E 63 24.45 19.92 11.64
CA SER E 63 25.87 20.18 11.85
C SER E 63 26.35 21.38 11.03
N SER E 64 25.62 21.78 10.00
CA SER E 64 26.02 22.86 9.11
C SER E 64 25.45 24.21 9.52
N ALA E 65 25.00 24.35 10.76
CA ALA E 65 24.40 25.60 11.20
C ALA E 65 25.47 26.66 11.44
N PHE E 66 25.12 27.91 11.16
CA PHE E 66 26.04 29.03 11.27
C PHE E 66 26.02 29.55 12.70
N SER E 67 27.20 29.64 13.33
CA SER E 67 27.27 30.00 14.73
C SER E 67 27.78 31.41 14.95
N GLY E 68 28.81 31.81 14.22
CA GLY E 68 29.48 33.07 14.49
C GLY E 68 28.59 34.29 14.28
N LEU E 69 29.14 35.45 14.64
CA LEU E 69 28.43 36.70 14.43
C LEU E 69 28.55 37.13 12.97
N PHE E 70 27.63 38.00 12.54
CA PHE E 70 27.57 38.35 11.13
C PHE E 70 28.30 39.65 10.81
N GLY E 71 28.03 40.71 11.57
CA GLY E 71 28.64 42.00 11.28
C GLY E 71 30.02 42.17 11.87
N ALA E 72 30.58 43.36 11.69
CA ALA E 72 31.83 43.73 12.35
C ALA E 72 31.61 43.80 13.86
N LEU E 73 32.58 43.33 14.62
CA LEU E 73 32.45 43.28 16.07
C LEU E 73 33.42 44.26 16.73
N LEU E 74 32.89 45.09 17.62
CA LEU E 74 33.68 45.95 18.47
C LEU E 74 33.39 45.58 19.91
N ALA E 75 34.27 46.01 20.82
CA ALA E 75 34.15 45.74 22.26
C ALA E 75 34.29 44.26 22.60
#